data_158D
# 
_entry.id   158D 
# 
_audit_conform.dict_name       mmcif_pdbx.dic 
_audit_conform.dict_version    5.385 
_audit_conform.dict_location   http://mmcif.pdb.org/dictionaries/ascii/mmcif_pdbx.dic 
# 
loop_
_database_2.database_id 
_database_2.database_code 
_database_2.pdbx_database_accession 
_database_2.pdbx_DOI 
PDB   158D         pdb_0000158d 10.2210/pdb158d/pdb 
RCSB  BDJ052       ?            ?                   
WWPDB D_1000170133 ?            ?                   
# 
loop_
_pdbx_audit_revision_history.ordinal 
_pdbx_audit_revision_history.data_content_type 
_pdbx_audit_revision_history.major_revision 
_pdbx_audit_revision_history.minor_revision 
_pdbx_audit_revision_history.revision_date 
1 'Structure model' 1 0 1994-05-31 
2 'Structure model' 1 1 2008-05-22 
3 'Structure model' 1 2 2011-07-13 
4 'Structure model' 1 3 2024-02-07 
# 
_pdbx_audit_revision_details.ordinal             1 
_pdbx_audit_revision_details.revision_ordinal    1 
_pdbx_audit_revision_details.data_content_type   'Structure model' 
_pdbx_audit_revision_details.provider            repository 
_pdbx_audit_revision_details.type                'Initial release' 
_pdbx_audit_revision_details.description         ? 
_pdbx_audit_revision_details.details             ? 
# 
loop_
_pdbx_audit_revision_group.ordinal 
_pdbx_audit_revision_group.revision_ordinal 
_pdbx_audit_revision_group.data_content_type 
_pdbx_audit_revision_group.group 
1 2 'Structure model' 'Version format compliance' 
2 3 'Structure model' 'Version format compliance' 
3 4 'Structure model' 'Data collection'           
4 4 'Structure model' 'Database references'       
5 4 'Structure model' 'Derived calculations'      
# 
loop_
_pdbx_audit_revision_category.ordinal 
_pdbx_audit_revision_category.revision_ordinal 
_pdbx_audit_revision_category.data_content_type 
_pdbx_audit_revision_category.category 
1 4 'Structure model' chem_comp_atom         
2 4 'Structure model' chem_comp_bond         
3 4 'Structure model' database_2             
4 4 'Structure model' pdbx_struct_conn_angle 
5 4 'Structure model' struct_conn            
6 4 'Structure model' struct_site            
# 
loop_
_pdbx_audit_revision_item.ordinal 
_pdbx_audit_revision_item.revision_ordinal 
_pdbx_audit_revision_item.data_content_type 
_pdbx_audit_revision_item.item 
1  4 'Structure model' '_database_2.pdbx_DOI'                        
2  4 'Structure model' '_database_2.pdbx_database_accession'         
3  4 'Structure model' '_pdbx_struct_conn_angle.ptnr1_auth_asym_id'  
4  4 'Structure model' '_pdbx_struct_conn_angle.ptnr1_auth_seq_id'   
5  4 'Structure model' '_pdbx_struct_conn_angle.ptnr1_label_asym_id' 
6  4 'Structure model' '_pdbx_struct_conn_angle.ptnr3_auth_asym_id'  
7  4 'Structure model' '_pdbx_struct_conn_angle.ptnr3_auth_seq_id'   
8  4 'Structure model' '_pdbx_struct_conn_angle.ptnr3_label_asym_id' 
9  4 'Structure model' '_pdbx_struct_conn_angle.value'               
10 4 'Structure model' '_struct_conn.pdbx_dist_value'                
11 4 'Structure model' '_struct_conn.ptnr1_auth_asym_id'             
12 4 'Structure model' '_struct_conn.ptnr1_auth_comp_id'             
13 4 'Structure model' '_struct_conn.ptnr1_auth_seq_id'              
14 4 'Structure model' '_struct_conn.ptnr1_label_asym_id'            
15 4 'Structure model' '_struct_conn.ptnr1_label_atom_id'            
16 4 'Structure model' '_struct_conn.ptnr1_label_comp_id'            
17 4 'Structure model' '_struct_conn.ptnr2_auth_asym_id'             
18 4 'Structure model' '_struct_conn.ptnr2_auth_comp_id'             
19 4 'Structure model' '_struct_conn.ptnr2_auth_seq_id'              
20 4 'Structure model' '_struct_conn.ptnr2_label_asym_id'            
21 4 'Structure model' '_struct_conn.ptnr2_label_atom_id'            
22 4 'Structure model' '_struct_conn.ptnr2_label_comp_id'            
23 4 'Structure model' '_struct_site.pdbx_auth_asym_id'              
24 4 'Structure model' '_struct_site.pdbx_auth_comp_id'              
25 4 'Structure model' '_struct_site.pdbx_auth_seq_id'               
# 
_pdbx_database_status.status_code                     REL 
_pdbx_database_status.entry_id                        158D 
_pdbx_database_status.recvd_initial_deposition_date   1994-02-03 
_pdbx_database_status.deposit_site                    BNL 
_pdbx_database_status.process_site                    NDB 
_pdbx_database_status.status_code_sf                  REL 
_pdbx_database_status.status_code_mr                  ? 
_pdbx_database_status.SG_entry                        ? 
_pdbx_database_status.pdb_format_compatible           Y 
_pdbx_database_status.status_code_cs                  ? 
_pdbx_database_status.status_code_nmr_data            ? 
_pdbx_database_status.methods_development_category    ? 
# 
loop_
_audit_author.name 
_audit_author.pdbx_ordinal 
'Grzeskowiak, K.'        1 
'Goodsell, D.S.'         2 
'Kaczor-Grzeskowiak, M.' 3 
'Cascio, D.'             4 
'Dickerson, R.E.'        5 
# 
_citation.id                        primary 
_citation.title                     'Crystallographic analysis of C-C-A-A-G-C-T-T-G-G and its implications for bending in B-DNA.' 
_citation.journal_abbrev            Biochemistry 
_citation.journal_volume            32 
_citation.page_first                8923 
_citation.page_last                 8931 
_citation.year                      1993 
_citation.journal_id_ASTM           BICHAW 
_citation.country                   US 
_citation.journal_id_ISSN           0006-2960 
_citation.journal_id_CSD            0033 
_citation.book_publisher            ? 
_citation.pdbx_database_id_PubMed   8364037 
_citation.pdbx_database_id_DOI      10.1021/bi00085a025 
# 
loop_
_citation_author.citation_id 
_citation_author.name 
_citation_author.ordinal 
_citation_author.identifier_ORCID 
primary 'Grzeskowiak, K.'        1 ? 
primary 'Goodsell, D.S.'         2 ? 
primary 'Kaczor-Grzeskowiak, M.' 3 ? 
primary 'Cascio, D.'             4 ? 
primary 'Dickerson, R.E.'        5 ? 
# 
loop_
_entity.id 
_entity.type 
_entity.src_method 
_entity.pdbx_description 
_entity.formula_weight 
_entity.pdbx_number_of_molecules 
_entity.pdbx_ec 
_entity.pdbx_mutation 
_entity.pdbx_fragment 
_entity.details 
1 polymer     syn 
;DNA (5'-D(*CP*CP*AP*AP*GP*CP*TP*TP*GP*G)-3')
;
3045.004 2  ? ? ? ? 
2 non-polymer syn 'CALCIUM ION'                                  40.078   2  ? ? ? ? 
3 water       nat water                                          18.015   75 ? ? ? ? 
# 
_entity_poly.entity_id                      1 
_entity_poly.type                           polydeoxyribonucleotide 
_entity_poly.nstd_linkage                   no 
_entity_poly.nstd_monomer                   no 
_entity_poly.pdbx_seq_one_letter_code       '(DC)(DC)(DA)(DA)(DG)(DC)(DT)(DT)(DG)(DG)' 
_entity_poly.pdbx_seq_one_letter_code_can   CCAAGCTTGG 
_entity_poly.pdbx_strand_id                 A,B 
_entity_poly.pdbx_target_identifier         ? 
# 
loop_
_pdbx_entity_nonpoly.entity_id 
_pdbx_entity_nonpoly.name 
_pdbx_entity_nonpoly.comp_id 
2 'CALCIUM ION' CA  
3 water         HOH 
# 
loop_
_entity_poly_seq.entity_id 
_entity_poly_seq.num 
_entity_poly_seq.mon_id 
_entity_poly_seq.hetero 
1 1  DC n 
1 2  DC n 
1 3  DA n 
1 4  DA n 
1 5  DG n 
1 6  DC n 
1 7  DT n 
1 8  DT n 
1 9  DG n 
1 10 DG n 
# 
loop_
_chem_comp.id 
_chem_comp.type 
_chem_comp.mon_nstd_flag 
_chem_comp.name 
_chem_comp.pdbx_synonyms 
_chem_comp.formula 
_chem_comp.formula_weight 
CA  non-polymer   . 'CALCIUM ION'                        ? 'Ca 2'            40.078  
DA  'DNA linking' y "2'-DEOXYADENOSINE-5'-MONOPHOSPHATE" ? 'C10 H14 N5 O6 P' 331.222 
DC  'DNA linking' y "2'-DEOXYCYTIDINE-5'-MONOPHOSPHATE"  ? 'C9 H14 N3 O7 P'  307.197 
DG  'DNA linking' y "2'-DEOXYGUANOSINE-5'-MONOPHOSPHATE" ? 'C10 H14 N5 O7 P' 347.221 
DT  'DNA linking' y "THYMIDINE-5'-MONOPHOSPHATE"         ? 'C10 H15 N2 O8 P' 322.208 
HOH non-polymer   . WATER                                ? 'H2 O'            18.015  
# 
loop_
_pdbx_poly_seq_scheme.asym_id 
_pdbx_poly_seq_scheme.entity_id 
_pdbx_poly_seq_scheme.seq_id 
_pdbx_poly_seq_scheme.mon_id 
_pdbx_poly_seq_scheme.ndb_seq_num 
_pdbx_poly_seq_scheme.pdb_seq_num 
_pdbx_poly_seq_scheme.auth_seq_num 
_pdbx_poly_seq_scheme.pdb_mon_id 
_pdbx_poly_seq_scheme.auth_mon_id 
_pdbx_poly_seq_scheme.pdb_strand_id 
_pdbx_poly_seq_scheme.pdb_ins_code 
_pdbx_poly_seq_scheme.hetero 
A 1 1  DC 1  1  1  DC C A . n 
A 1 2  DC 2  2  2  DC C A . n 
A 1 3  DA 3  3  3  DA A A . n 
A 1 4  DA 4  4  4  DA A A . n 
A 1 5  DG 5  5  5  DG G A . n 
A 1 6  DC 6  6  6  DC C A . n 
A 1 7  DT 7  7  7  DT T A . n 
A 1 8  DT 8  8  8  DT T A . n 
A 1 9  DG 9  9  9  DG G A . n 
A 1 10 DG 10 10 10 DG G A . n 
B 1 1  DC 1  11 11 DC C B . n 
B 1 2  DC 2  12 12 DC C B . n 
B 1 3  DA 3  13 13 DA A B . n 
B 1 4  DA 4  14 14 DA A B . n 
B 1 5  DG 5  15 15 DG G B . n 
B 1 6  DC 6  16 16 DC C B . n 
B 1 7  DT 7  17 17 DT T B . n 
B 1 8  DT 8  18 18 DT T B . n 
B 1 9  DG 9  19 19 DG G B . n 
B 1 10 DG 10 20 20 DG G B . n 
# 
loop_
_pdbx_nonpoly_scheme.asym_id 
_pdbx_nonpoly_scheme.entity_id 
_pdbx_nonpoly_scheme.mon_id 
_pdbx_nonpoly_scheme.ndb_seq_num 
_pdbx_nonpoly_scheme.pdb_seq_num 
_pdbx_nonpoly_scheme.auth_seq_num 
_pdbx_nonpoly_scheme.pdb_mon_id 
_pdbx_nonpoly_scheme.auth_mon_id 
_pdbx_nonpoly_scheme.pdb_strand_id 
_pdbx_nonpoly_scheme.pdb_ins_code 
C 2 CA  1  21 21 CA  OC7 A . 
D 2 CA  1  22 22 CA  OC6 B . 
E 3 HOH 1  25 25 HOH HOH A . 
E 3 HOH 2  26 26 HOH HOH A . 
E 3 HOH 3  28 28 HOH HOH A . 
E 3 HOH 4  29 29 HOH HOH A . 
E 3 HOH 5  32 32 HOH HOH A . 
E 3 HOH 6  33 33 HOH HOH A . 
E 3 HOH 7  35 35 HOH HOH A . 
E 3 HOH 8  37 37 HOH HOH A . 
E 3 HOH 9  40 40 HOH HOH A . 
E 3 HOH 10 41 41 HOH HOH A . 
E 3 HOH 11 48 48 HOH HOH A . 
E 3 HOH 12 50 50 HOH HOH A . 
E 3 HOH 13 51 51 HOH HOH A . 
E 3 HOH 14 52 52 HOH HOH A . 
E 3 HOH 15 57 57 HOH HOH A . 
E 3 HOH 16 59 59 HOH HOH A . 
E 3 HOH 17 66 66 HOH HOH A . 
E 3 HOH 18 69 69 HOH HOH A . 
E 3 HOH 19 75 75 HOH HOH A . 
E 3 HOH 20 76 76 HOH HOH A . 
E 3 HOH 21 77 77 HOH HOH A . 
E 3 HOH 22 79 79 HOH HOH A . 
E 3 HOH 23 81 81 HOH HOH A . 
E 3 HOH 24 82 82 HOH HOH A . 
E 3 HOH 25 86 21 HOH OC7 A . 
E 3 HOH 26 87 21 HOH OC7 A . 
E 3 HOH 27 88 21 HOH OC7 A . 
E 3 HOH 28 89 21 HOH OC7 A . 
E 3 HOH 29 91 21 HOH OC7 A . 
E 3 HOH 30 92 22 HOH OC6 A . 
E 3 HOH 31 97 22 HOH OC6 A . 
F 3 HOH 1  23 23 HOH HOH B . 
F 3 HOH 2  24 24 HOH HOH B . 
F 3 HOH 3  27 27 HOH HOH B . 
F 3 HOH 4  30 30 HOH HOH B . 
F 3 HOH 5  31 31 HOH HOH B . 
F 3 HOH 6  34 34 HOH HOH B . 
F 3 HOH 7  36 36 HOH HOH B . 
F 3 HOH 8  38 38 HOH HOH B . 
F 3 HOH 9  39 39 HOH HOH B . 
F 3 HOH 10 42 42 HOH HOH B . 
F 3 HOH 11 43 43 HOH HOH B . 
F 3 HOH 12 44 44 HOH HOH B . 
F 3 HOH 13 45 45 HOH HOH B . 
F 3 HOH 14 46 46 HOH HOH B . 
F 3 HOH 15 47 47 HOH HOH B . 
F 3 HOH 16 49 49 HOH HOH B . 
F 3 HOH 17 53 53 HOH HOH B . 
F 3 HOH 18 54 54 HOH HOH B . 
F 3 HOH 19 55 55 HOH HOH B . 
F 3 HOH 20 56 56 HOH HOH B . 
F 3 HOH 21 58 58 HOH HOH B . 
F 3 HOH 22 60 60 HOH HOH B . 
F 3 HOH 23 61 61 HOH HOH B . 
F 3 HOH 24 62 62 HOH HOH B . 
F 3 HOH 25 63 63 HOH HOH B . 
F 3 HOH 26 64 64 HOH HOH B . 
F 3 HOH 27 65 65 HOH HOH B . 
F 3 HOH 28 67 67 HOH HOH B . 
F 3 HOH 29 68 68 HOH HOH B . 
F 3 HOH 30 70 70 HOH HOH B . 
F 3 HOH 31 71 71 HOH HOH B . 
F 3 HOH 32 72 72 HOH HOH B . 
F 3 HOH 33 73 73 HOH HOH B . 
F 3 HOH 34 74 74 HOH HOH B . 
F 3 HOH 35 78 78 HOH HOH B . 
F 3 HOH 36 80 80 HOH HOH B . 
F 3 HOH 37 83 83 HOH HOH B . 
F 3 HOH 38 84 84 HOH HOH B . 
F 3 HOH 39 85 21 HOH OC7 B . 
F 3 HOH 40 90 21 HOH OC7 B . 
F 3 HOH 41 93 22 HOH OC6 B . 
F 3 HOH 42 94 22 HOH OC6 B . 
F 3 HOH 43 95 22 HOH OC6 B . 
F 3 HOH 44 96 22 HOH OC6 B . 
# 
_software.name             NUCLSQ 
_software.classification   refinement 
_software.version          . 
_software.citation_id      ? 
_software.pdbx_ordinal     1 
# 
_cell.entry_id           158D 
_cell.length_a           53.080 
_cell.length_b           53.080 
_cell.length_c           34.320 
_cell.angle_alpha        90.00 
_cell.angle_beta         90.00 
_cell.angle_gamma        120.00 
_cell.Z_PDB              12 
_cell.pdbx_unique_axis   ? 
# 
_symmetry.entry_id                         158D 
_symmetry.space_group_name_H-M             'P 6' 
_symmetry.pdbx_full_space_group_name_H-M   ? 
_symmetry.cell_setting                     ? 
_symmetry.Int_Tables_number                168 
# 
_exptl.entry_id          158D 
_exptl.method            'X-RAY DIFFRACTION' 
_exptl.crystals_number   ? 
# 
_exptl_crystal.id                    1 
_exptl_crystal.density_meas          ? 
_exptl_crystal.density_Matthews      2.29 
_exptl_crystal.density_percent_sol   46.33 
_exptl_crystal.description           ? 
# 
_exptl_crystal_grow.crystal_id      1 
_exptl_crystal_grow.method          'VAPOR DIFFUSION' 
_exptl_crystal_grow.temp            278.00 
_exptl_crystal_grow.temp_details    ? 
_exptl_crystal_grow.pH              7.50 
_exptl_crystal_grow.pdbx_details    'pH 7.50, VAPOR DIFFUSION, temperature 278.00K' 
_exptl_crystal_grow.pdbx_pH_range   ? 
# 
loop_
_exptl_crystal_grow_comp.crystal_id 
_exptl_crystal_grow_comp.id 
_exptl_crystal_grow_comp.sol_id 
_exptl_crystal_grow_comp.name 
_exptl_crystal_grow_comp.volume 
_exptl_crystal_grow_comp.conc 
_exptl_crystal_grow_comp.details 
1 1 1 WATER        ? ? ? 
1 2 1 MPD          ? ? ? 
1 3 1 'CA ACETATE' ? ? ? 
1 4 2 WATER        ? ? ? 
1 5 2 MPD          ? ? ? 
# 
_diffrn.id                     1 
_diffrn.ambient_temp           278.00 
_diffrn.ambient_temp_details   ? 
_diffrn.crystal_id             1 
# 
_diffrn_detector.diffrn_id              1 
_diffrn_detector.detector               'IMAGE PLATE' 
_diffrn_detector.type                   'RIGAKU RAXIS II' 
_diffrn_detector.pdbx_collection_date   ? 
_diffrn_detector.details                ? 
# 
_diffrn_radiation.diffrn_id                        1 
_diffrn_radiation.wavelength_id                    1 
_diffrn_radiation.pdbx_monochromatic_or_laue_m_l   ? 
_diffrn_radiation.monochromator                    ? 
_diffrn_radiation.pdbx_diffrn_protocol             ? 
_diffrn_radiation.pdbx_scattering_type             x-ray 
# 
_diffrn_radiation_wavelength.id           1 
_diffrn_radiation_wavelength.wavelength   . 
_diffrn_radiation_wavelength.wt           1.0 
# 
_diffrn_source.diffrn_id                   1 
_diffrn_source.source                      ? 
_diffrn_source.type                        ? 
_diffrn_source.pdbx_synchrotron_site       ? 
_diffrn_source.pdbx_synchrotron_beamline   ? 
_diffrn_source.pdbx_wavelength             ? 
_diffrn_source.pdbx_wavelength_list        ? 
# 
_reflns.entry_id                     158D 
_reflns.observed_criterion_sigma_I   2.000 
_reflns.observed_criterion_sigma_F   ? 
_reflns.d_resolution_low             ? 
_reflns.d_resolution_high            1.900 
_reflns.number_obs                   4095 
_reflns.number_all                   4165 
_reflns.percent_possible_obs         ? 
_reflns.pdbx_Rmerge_I_obs            ? 
_reflns.pdbx_Rsym_value              ? 
_reflns.pdbx_netI_over_sigmaI        ? 
_reflns.B_iso_Wilson_estimate        ? 
_reflns.pdbx_redundancy              ? 
_reflns.pdbx_diffrn_id               1 
_reflns.pdbx_ordinal                 1 
# 
_refine.entry_id                                 158D 
_refine.ls_number_reflns_obs                     4095 
_refine.ls_number_reflns_all                     ? 
_refine.pdbx_ls_sigma_I                          ? 
_refine.pdbx_ls_sigma_F                          2.000 
_refine.pdbx_data_cutoff_high_absF               ? 
_refine.pdbx_data_cutoff_low_absF                ? 
_refine.pdbx_data_cutoff_high_rms_absF           ? 
_refine.ls_d_res_low                             8.000 
_refine.ls_d_res_high                            1.900 
_refine.ls_percent_reflns_obs                    ? 
_refine.ls_R_factor_obs                          0.1790000 
_refine.ls_R_factor_all                          ? 
_refine.ls_R_factor_R_work                       ? 
_refine.ls_R_factor_R_free                       ? 
_refine.ls_R_factor_R_free_error                 ? 
_refine.ls_R_factor_R_free_error_details         ? 
_refine.ls_percent_reflns_R_free                 ? 
_refine.ls_number_reflns_R_free                  ? 
_refine.ls_number_parameters                     ? 
_refine.ls_number_restraints                     ? 
_refine.occupancy_min                            ? 
_refine.occupancy_max                            ? 
_refine.B_iso_mean                               ? 
_refine.aniso_B[1][1]                            ? 
_refine.aniso_B[2][2]                            ? 
_refine.aniso_B[3][3]                            ? 
_refine.aniso_B[1][2]                            ? 
_refine.aniso_B[1][3]                            ? 
_refine.aniso_B[2][3]                            ? 
_refine.solvent_model_details                    ? 
_refine.solvent_model_param_ksol                 ? 
_refine.solvent_model_param_bsol                 ? 
_refine.pdbx_ls_cross_valid_method               ? 
_refine.details                                  ? 
_refine.pdbx_starting_model                      ? 
_refine.pdbx_method_to_determine_struct          ? 
_refine.pdbx_isotropic_thermal_model             ? 
_refine.pdbx_stereochemistry_target_values       ? 
_refine.pdbx_stereochem_target_val_spec_case     ? 
_refine.pdbx_R_Free_selection_details            ? 
_refine.pdbx_overall_ESU_R                       ? 
_refine.pdbx_overall_ESU_R_Free                  ? 
_refine.overall_SU_ML                            ? 
_refine.overall_SU_B                             ? 
_refine.pdbx_refine_id                           'X-RAY DIFFRACTION' 
_refine.pdbx_diffrn_id                           1 
_refine.pdbx_TLS_residual_ADP_flag               ? 
_refine.correlation_coeff_Fo_to_Fc               ? 
_refine.correlation_coeff_Fo_to_Fc_free          ? 
_refine.pdbx_solvent_vdw_probe_radii             ? 
_refine.pdbx_solvent_ion_probe_radii             ? 
_refine.pdbx_solvent_shrinkage_radii             ? 
_refine.pdbx_overall_phase_error                 ? 
_refine.overall_SU_R_Cruickshank_DPI             ? 
_refine.pdbx_overall_SU_R_free_Cruickshank_DPI   ? 
_refine.pdbx_overall_SU_R_Blow_DPI               ? 
_refine.pdbx_overall_SU_R_free_Blow_DPI          ? 
# 
_refine_hist.pdbx_refine_id                   'X-RAY DIFFRACTION' 
_refine_hist.cycle_id                         LAST 
_refine_hist.pdbx_number_atoms_protein        0 
_refine_hist.pdbx_number_atoms_nucleic_acid   404 
_refine_hist.pdbx_number_atoms_ligand         15 
_refine_hist.number_atoms_solvent             62 
_refine_hist.number_atoms_total               481 
_refine_hist.d_res_high                       1.900 
_refine_hist.d_res_low                        8.000 
# 
_struct.entry_id                  158D 
_struct.title                     'CRYSTALLOGRAPHIC ANALYSIS OF C-C-A-A-G-C-T-T-G-G AND ITS IMPLICATIONS FOR BENDING IN B-DNA' 
_struct.pdbx_model_details        ? 
_struct.pdbx_CASP_flag            ? 
_struct.pdbx_model_type_details   ? 
# 
_struct_keywords.entry_id        158D 
_struct_keywords.pdbx_keywords   DNA 
_struct_keywords.text            'B-DNA, DOUBLE HELIX, DNA' 
# 
loop_
_struct_asym.id 
_struct_asym.pdbx_blank_PDB_chainid_flag 
_struct_asym.pdbx_modified 
_struct_asym.entity_id 
_struct_asym.details 
A N N 1 ? 
B N N 1 ? 
C N N 2 ? 
D N N 2 ? 
E N N 3 ? 
F N N 3 ? 
# 
_struct_ref.id                         1 
_struct_ref.entity_id                  1 
_struct_ref.db_name                    PDB 
_struct_ref.db_code                    158D 
_struct_ref.pdbx_db_accession          158D 
_struct_ref.pdbx_db_isoform            ? 
_struct_ref.pdbx_seq_one_letter_code   ? 
_struct_ref.pdbx_align_begin           ? 
# 
loop_
_struct_ref_seq.align_id 
_struct_ref_seq.ref_id 
_struct_ref_seq.pdbx_PDB_id_code 
_struct_ref_seq.pdbx_strand_id 
_struct_ref_seq.seq_align_beg 
_struct_ref_seq.pdbx_seq_align_beg_ins_code 
_struct_ref_seq.seq_align_end 
_struct_ref_seq.pdbx_seq_align_end_ins_code 
_struct_ref_seq.pdbx_db_accession 
_struct_ref_seq.db_align_beg 
_struct_ref_seq.pdbx_db_align_beg_ins_code 
_struct_ref_seq.db_align_end 
_struct_ref_seq.pdbx_db_align_end_ins_code 
_struct_ref_seq.pdbx_auth_seq_align_beg 
_struct_ref_seq.pdbx_auth_seq_align_end 
1 1 158D A 1 ? 10 ? 158D 1  ? 10 ? 1  10 
2 1 158D B 1 ? 10 ? 158D 11 ? 20 ? 11 20 
# 
_pdbx_struct_assembly.id                   1 
_pdbx_struct_assembly.details              author_defined_assembly 
_pdbx_struct_assembly.method_details       ? 
_pdbx_struct_assembly.oligomeric_details   dimeric 
_pdbx_struct_assembly.oligomeric_count     2 
# 
_pdbx_struct_assembly_gen.assembly_id       1 
_pdbx_struct_assembly_gen.oper_expression   1 
_pdbx_struct_assembly_gen.asym_id_list      A,B,C,D,E,F 
# 
_pdbx_struct_oper_list.id                   1 
_pdbx_struct_oper_list.type                 'identity operation' 
_pdbx_struct_oper_list.name                 1_555 
_pdbx_struct_oper_list.symmetry_operation   x,y,z 
_pdbx_struct_oper_list.matrix[1][1]         1.0000000000 
_pdbx_struct_oper_list.matrix[1][2]         0.0000000000 
_pdbx_struct_oper_list.matrix[1][3]         0.0000000000 
_pdbx_struct_oper_list.vector[1]            0.0000000000 
_pdbx_struct_oper_list.matrix[2][1]         0.0000000000 
_pdbx_struct_oper_list.matrix[2][2]         1.0000000000 
_pdbx_struct_oper_list.matrix[2][3]         0.0000000000 
_pdbx_struct_oper_list.vector[2]            0.0000000000 
_pdbx_struct_oper_list.matrix[3][1]         0.0000000000 
_pdbx_struct_oper_list.matrix[3][2]         0.0000000000 
_pdbx_struct_oper_list.matrix[3][3]         1.0000000000 
_pdbx_struct_oper_list.vector[3]            0.0000000000 
# 
_struct_biol.id   1 
# 
loop_
_struct_conn.id 
_struct_conn.conn_type_id 
_struct_conn.pdbx_leaving_atom_flag 
_struct_conn.pdbx_PDB_id 
_struct_conn.ptnr1_label_asym_id 
_struct_conn.ptnr1_label_comp_id 
_struct_conn.ptnr1_label_seq_id 
_struct_conn.ptnr1_label_atom_id 
_struct_conn.pdbx_ptnr1_label_alt_id 
_struct_conn.pdbx_ptnr1_PDB_ins_code 
_struct_conn.pdbx_ptnr1_standard_comp_id 
_struct_conn.ptnr1_symmetry 
_struct_conn.ptnr2_label_asym_id 
_struct_conn.ptnr2_label_comp_id 
_struct_conn.ptnr2_label_seq_id 
_struct_conn.ptnr2_label_atom_id 
_struct_conn.pdbx_ptnr2_label_alt_id 
_struct_conn.pdbx_ptnr2_PDB_ins_code 
_struct_conn.ptnr1_auth_asym_id 
_struct_conn.ptnr1_auth_comp_id 
_struct_conn.ptnr1_auth_seq_id 
_struct_conn.ptnr2_auth_asym_id 
_struct_conn.ptnr2_auth_comp_id 
_struct_conn.ptnr2_auth_seq_id 
_struct_conn.ptnr2_symmetry 
_struct_conn.pdbx_ptnr3_label_atom_id 
_struct_conn.pdbx_ptnr3_label_seq_id 
_struct_conn.pdbx_ptnr3_label_comp_id 
_struct_conn.pdbx_ptnr3_label_asym_id 
_struct_conn.pdbx_ptnr3_label_alt_id 
_struct_conn.pdbx_ptnr3_PDB_ins_code 
_struct_conn.details 
_struct_conn.pdbx_dist_value 
_struct_conn.pdbx_value_order 
_struct_conn.pdbx_role 
metalc1  metalc ? ? C CA  .  CA ? ? ? 1_555 E HOH .  O  ? ? A CA  21 A HOH 86 1_555 ? ? ? ? ? ? ?            2.596 ? ? 
metalc2  metalc ? ? C CA  .  CA ? ? ? 1_555 E HOH .  O  ? ? A CA  21 A HOH 87 1_555 ? ? ? ? ? ? ?            2.442 ? ? 
metalc3  metalc ? ? C CA  .  CA ? ? ? 1_555 E HOH .  O  ? ? A CA  21 A HOH 88 1_555 ? ? ? ? ? ? ?            2.526 ? ? 
metalc4  metalc ? ? C CA  .  CA ? ? ? 1_555 E HOH .  O  ? ? A CA  21 A HOH 89 1_555 ? ? ? ? ? ? ?            2.344 ? ? 
metalc5  metalc ? ? C CA  .  CA ? ? ? 1_555 E HOH .  O  ? ? A CA  21 A HOH 91 1_555 ? ? ? ? ? ? ?            2.790 ? ? 
metalc6  metalc ? ? C CA  .  CA ? ? ? 1_555 F HOH .  O  ? ? A CA  21 B HOH 85 1_555 ? ? ? ? ? ? ?            2.483 ? ? 
metalc7  metalc ? ? C CA  .  CA ? ? ? 1_555 F HOH .  O  ? ? A CA  21 B HOH 90 1_555 ? ? ? ? ? ? ?            2.393 ? ? 
metalc8  metalc ? ? E HOH .  O  ? ? ? 1_555 D CA  .  CA ? ? A HOH 92 B CA  22 1_555 ? ? ? ? ? ? ?            2.757 ? ? 
metalc9  metalc ? ? E HOH .  O  ? ? ? 1_555 D CA  .  CA ? ? A HOH 97 B CA  22 1_555 ? ? ? ? ? ? ?            2.580 ? ? 
metalc10 metalc ? ? D CA  .  CA ? ? ? 1_555 F HOH .  O  ? ? B CA  22 B HOH 93 1_555 ? ? ? ? ? ? ?            2.511 ? ? 
metalc11 metalc ? ? D CA  .  CA ? ? ? 1_555 F HOH .  O  ? ? B CA  22 B HOH 94 1_555 ? ? ? ? ? ? ?            2.711 ? ? 
metalc12 metalc ? ? D CA  .  CA ? ? ? 1_555 F HOH .  O  ? ? B CA  22 B HOH 95 1_555 ? ? ? ? ? ? ?            2.565 ? ? 
metalc13 metalc ? ? D CA  .  CA ? ? ? 1_555 F HOH .  O  ? ? B CA  22 B HOH 96 1_555 ? ? ? ? ? ? ?            2.586 ? ? 
hydrog1  hydrog ? ? A DC  1  N3 ? ? ? 1_555 B DG  10 N1 ? ? A DC  1  B DG  20 1_555 ? ? ? ? ? ? WATSON-CRICK ?     ? ? 
hydrog2  hydrog ? ? A DC  1  N4 ? ? ? 1_555 B DG  10 O6 ? ? A DC  1  B DG  20 1_555 ? ? ? ? ? ? WATSON-CRICK ?     ? ? 
hydrog3  hydrog ? ? A DC  1  O2 ? ? ? 1_555 B DG  10 N2 ? ? A DC  1  B DG  20 1_555 ? ? ? ? ? ? WATSON-CRICK ?     ? ? 
hydrog4  hydrog ? ? A DC  2  N3 ? ? ? 1_555 B DG  9  N1 ? ? A DC  2  B DG  19 1_555 ? ? ? ? ? ? WATSON-CRICK ?     ? ? 
hydrog5  hydrog ? ? A DC  2  N4 ? ? ? 1_555 B DG  9  O6 ? ? A DC  2  B DG  19 1_555 ? ? ? ? ? ? WATSON-CRICK ?     ? ? 
hydrog6  hydrog ? ? A DC  2  O2 ? ? ? 1_555 B DG  9  N2 ? ? A DC  2  B DG  19 1_555 ? ? ? ? ? ? WATSON-CRICK ?     ? ? 
hydrog7  hydrog ? ? A DA  3  N1 ? ? ? 1_555 B DT  8  N3 ? ? A DA  3  B DT  18 1_555 ? ? ? ? ? ? WATSON-CRICK ?     ? ? 
hydrog8  hydrog ? ? A DA  3  N6 ? ? ? 1_555 B DT  8  O4 ? ? A DA  3  B DT  18 1_555 ? ? ? ? ? ? WATSON-CRICK ?     ? ? 
hydrog9  hydrog ? ? A DA  4  N1 ? ? ? 1_555 B DT  7  N3 ? ? A DA  4  B DT  17 1_555 ? ? ? ? ? ? WATSON-CRICK ?     ? ? 
hydrog10 hydrog ? ? A DA  4  N6 ? ? ? 1_555 B DT  7  O4 ? ? A DA  4  B DT  17 1_555 ? ? ? ? ? ? WATSON-CRICK ?     ? ? 
hydrog11 hydrog ? ? A DG  5  N1 ? ? ? 1_555 B DC  6  N3 ? ? A DG  5  B DC  16 1_555 ? ? ? ? ? ? WATSON-CRICK ?     ? ? 
hydrog12 hydrog ? ? A DG  5  N2 ? ? ? 1_555 B DC  6  O2 ? ? A DG  5  B DC  16 1_555 ? ? ? ? ? ? WATSON-CRICK ?     ? ? 
hydrog13 hydrog ? ? A DG  5  O6 ? ? ? 1_555 B DC  6  N4 ? ? A DG  5  B DC  16 1_555 ? ? ? ? ? ? WATSON-CRICK ?     ? ? 
hydrog14 hydrog ? ? A DC  6  N3 ? ? ? 1_555 B DG  5  N1 ? ? A DC  6  B DG  15 1_555 ? ? ? ? ? ? WATSON-CRICK ?     ? ? 
hydrog15 hydrog ? ? A DC  6  N4 ? ? ? 1_555 B DG  5  O6 ? ? A DC  6  B DG  15 1_555 ? ? ? ? ? ? WATSON-CRICK ?     ? ? 
hydrog16 hydrog ? ? A DC  6  O2 ? ? ? 1_555 B DG  5  N2 ? ? A DC  6  B DG  15 1_555 ? ? ? ? ? ? WATSON-CRICK ?     ? ? 
hydrog17 hydrog ? ? A DT  7  N3 ? ? ? 1_555 B DA  4  N1 ? ? A DT  7  B DA  14 1_555 ? ? ? ? ? ? WATSON-CRICK ?     ? ? 
hydrog18 hydrog ? ? A DT  7  O4 ? ? ? 1_555 B DA  4  N6 ? ? A DT  7  B DA  14 1_555 ? ? ? ? ? ? WATSON-CRICK ?     ? ? 
hydrog19 hydrog ? ? A DT  8  N3 ? ? ? 1_555 B DA  3  N1 ? ? A DT  8  B DA  13 1_555 ? ? ? ? ? ? WATSON-CRICK ?     ? ? 
hydrog20 hydrog ? ? A DT  8  O4 ? ? ? 1_555 B DA  3  N6 ? ? A DT  8  B DA  13 1_555 ? ? ? ? ? ? WATSON-CRICK ?     ? ? 
hydrog21 hydrog ? ? A DG  9  N1 ? ? ? 1_555 B DC  2  N3 ? ? A DG  9  B DC  12 1_555 ? ? ? ? ? ? WATSON-CRICK ?     ? ? 
hydrog22 hydrog ? ? A DG  9  N2 ? ? ? 1_555 B DC  2  O2 ? ? A DG  9  B DC  12 1_555 ? ? ? ? ? ? WATSON-CRICK ?     ? ? 
hydrog23 hydrog ? ? A DG  9  O6 ? ? ? 1_555 B DC  2  N4 ? ? A DG  9  B DC  12 1_555 ? ? ? ? ? ? WATSON-CRICK ?     ? ? 
hydrog24 hydrog ? ? A DG  10 N1 ? ? ? 1_555 B DC  1  N3 ? ? A DG  10 B DC  11 1_555 ? ? ? ? ? ? WATSON-CRICK ?     ? ? 
hydrog25 hydrog ? ? A DG  10 N2 ? ? ? 1_555 B DC  1  O2 ? ? A DG  10 B DC  11 1_555 ? ? ? ? ? ? WATSON-CRICK ?     ? ? 
hydrog26 hydrog ? ? A DG  10 O6 ? ? ? 1_555 B DC  1  N4 ? ? A DG  10 B DC  11 1_555 ? ? ? ? ? ? WATSON-CRICK ?     ? ? 
# 
loop_
_struct_conn_type.id 
_struct_conn_type.criteria 
_struct_conn_type.reference 
metalc ? ? 
hydrog ? ? 
# 
loop_
_pdbx_struct_conn_angle.id 
_pdbx_struct_conn_angle.ptnr1_label_atom_id 
_pdbx_struct_conn_angle.ptnr1_label_alt_id 
_pdbx_struct_conn_angle.ptnr1_label_asym_id 
_pdbx_struct_conn_angle.ptnr1_label_comp_id 
_pdbx_struct_conn_angle.ptnr1_label_seq_id 
_pdbx_struct_conn_angle.ptnr1_auth_atom_id 
_pdbx_struct_conn_angle.ptnr1_auth_asym_id 
_pdbx_struct_conn_angle.ptnr1_auth_comp_id 
_pdbx_struct_conn_angle.ptnr1_auth_seq_id 
_pdbx_struct_conn_angle.ptnr1_PDB_ins_code 
_pdbx_struct_conn_angle.ptnr1_symmetry 
_pdbx_struct_conn_angle.ptnr2_label_atom_id 
_pdbx_struct_conn_angle.ptnr2_label_alt_id 
_pdbx_struct_conn_angle.ptnr2_label_asym_id 
_pdbx_struct_conn_angle.ptnr2_label_comp_id 
_pdbx_struct_conn_angle.ptnr2_label_seq_id 
_pdbx_struct_conn_angle.ptnr2_auth_atom_id 
_pdbx_struct_conn_angle.ptnr2_auth_asym_id 
_pdbx_struct_conn_angle.ptnr2_auth_comp_id 
_pdbx_struct_conn_angle.ptnr2_auth_seq_id 
_pdbx_struct_conn_angle.ptnr2_PDB_ins_code 
_pdbx_struct_conn_angle.ptnr2_symmetry 
_pdbx_struct_conn_angle.ptnr3_label_atom_id 
_pdbx_struct_conn_angle.ptnr3_label_alt_id 
_pdbx_struct_conn_angle.ptnr3_label_asym_id 
_pdbx_struct_conn_angle.ptnr3_label_comp_id 
_pdbx_struct_conn_angle.ptnr3_label_seq_id 
_pdbx_struct_conn_angle.ptnr3_auth_atom_id 
_pdbx_struct_conn_angle.ptnr3_auth_asym_id 
_pdbx_struct_conn_angle.ptnr3_auth_comp_id 
_pdbx_struct_conn_angle.ptnr3_auth_seq_id 
_pdbx_struct_conn_angle.ptnr3_PDB_ins_code 
_pdbx_struct_conn_angle.ptnr3_symmetry 
_pdbx_struct_conn_angle.value 
_pdbx_struct_conn_angle.value_esd 
1  O ? E HOH . ? A HOH 86 ? 1_555 CA ? C CA . ? A CA 21 ? 1_555 O ? E HOH . ? A HOH 87 ? 1_555 71.8  ? 
2  O ? E HOH . ? A HOH 86 ? 1_555 CA ? C CA . ? A CA 21 ? 1_555 O ? E HOH . ? A HOH 88 ? 1_555 142.0 ? 
3  O ? E HOH . ? A HOH 87 ? 1_555 CA ? C CA . ? A CA 21 ? 1_555 O ? E HOH . ? A HOH 88 ? 1_555 70.7  ? 
4  O ? E HOH . ? A HOH 86 ? 1_555 CA ? C CA . ? A CA 21 ? 1_555 O ? E HOH . ? A HOH 89 ? 1_555 151.0 ? 
5  O ? E HOH . ? A HOH 87 ? 1_555 CA ? C CA . ? A CA 21 ? 1_555 O ? E HOH . ? A HOH 89 ? 1_555 133.3 ? 
6  O ? E HOH . ? A HOH 88 ? 1_555 CA ? C CA . ? A CA 21 ? 1_555 O ? E HOH . ? A HOH 89 ? 1_555 66.3  ? 
7  O ? E HOH . ? A HOH 86 ? 1_555 CA ? C CA . ? A CA 21 ? 1_555 O ? E HOH . ? A HOH 91 ? 1_555 90.9  ? 
8  O ? E HOH . ? A HOH 87 ? 1_555 CA ? C CA . ? A CA 21 ? 1_555 O ? E HOH . ? A HOH 91 ? 1_555 87.1  ? 
9  O ? E HOH . ? A HOH 88 ? 1_555 CA ? C CA . ? A CA 21 ? 1_555 O ? E HOH . ? A HOH 91 ? 1_555 93.2  ? 
10 O ? E HOH . ? A HOH 89 ? 1_555 CA ? C CA . ? A CA 21 ? 1_555 O ? E HOH . ? A HOH 91 ? 1_555 78.2  ? 
11 O ? E HOH . ? A HOH 86 ? 1_555 CA ? C CA . ? A CA 21 ? 1_555 O ? F HOH . ? B HOH 85 ? 1_555 73.8  ? 
12 O ? E HOH . ? A HOH 87 ? 1_555 CA ? C CA . ? A CA 21 ? 1_555 O ? F HOH . ? B HOH 85 ? 1_555 145.1 ? 
13 O ? E HOH . ? A HOH 88 ? 1_555 CA ? C CA . ? A CA 21 ? 1_555 O ? F HOH . ? B HOH 85 ? 1_555 144.1 ? 
14 O ? E HOH . ? A HOH 89 ? 1_555 CA ? C CA . ? A CA 21 ? 1_555 O ? F HOH . ? B HOH 85 ? 1_555 78.8  ? 
15 O ? E HOH . ? A HOH 91 ? 1_555 CA ? C CA . ? A CA 21 ? 1_555 O ? F HOH . ? B HOH 85 ? 1_555 87.5  ? 
16 O ? E HOH . ? A HOH 86 ? 1_555 CA ? C CA . ? A CA 21 ? 1_555 O ? F HOH . ? B HOH 90 ? 1_555 93.1  ? 
17 O ? E HOH . ? A HOH 87 ? 1_555 CA ? C CA . ? A CA 21 ? 1_555 O ? F HOH . ? B HOH 90 ? 1_555 101.2 ? 
18 O ? E HOH . ? A HOH 88 ? 1_555 CA ? C CA . ? A CA 21 ? 1_555 O ? F HOH . ? B HOH 90 ? 1_555 88.3  ? 
19 O ? E HOH . ? A HOH 89 ? 1_555 CA ? C CA . ? A CA 21 ? 1_555 O ? F HOH . ? B HOH 90 ? 1_555 94.8  ? 
20 O ? E HOH . ? A HOH 91 ? 1_555 CA ? C CA . ? A CA 21 ? 1_555 O ? F HOH . ? B HOH 90 ? 1_555 171.5 ? 
21 O ? F HOH . ? B HOH 85 ? 1_555 CA ? C CA . ? A CA 21 ? 1_555 O ? F HOH . ? B HOH 90 ? 1_555 86.4  ? 
22 O ? E HOH . ? A HOH 92 ? 1_555 CA ? D CA . ? B CA 22 ? 1_555 O ? E HOH . ? A HOH 97 ? 1_555 75.9  ? 
23 O ? E HOH . ? A HOH 92 ? 1_555 CA ? D CA . ? B CA 22 ? 1_555 O ? F HOH . ? B HOH 93 ? 1_555 79.1  ? 
24 O ? E HOH . ? A HOH 97 ? 1_555 CA ? D CA . ? B CA 22 ? 1_555 O ? F HOH . ? B HOH 93 ? 1_555 93.3  ? 
25 O ? E HOH . ? A HOH 92 ? 1_555 CA ? D CA . ? B CA 22 ? 1_555 O ? F HOH . ? B HOH 94 ? 1_555 153.4 ? 
26 O ? E HOH . ? A HOH 97 ? 1_555 CA ? D CA . ? B CA 22 ? 1_555 O ? F HOH . ? B HOH 94 ? 1_555 105.9 ? 
27 O ? F HOH . ? B HOH 93 ? 1_555 CA ? D CA . ? B CA 22 ? 1_555 O ? F HOH . ? B HOH 94 ? 1_555 74.3  ? 
28 O ? E HOH . ? A HOH 92 ? 1_555 CA ? D CA . ? B CA 22 ? 1_555 O ? F HOH . ? B HOH 95 ? 1_555 137.7 ? 
29 O ? E HOH . ? A HOH 97 ? 1_555 CA ? D CA . ? B CA 22 ? 1_555 O ? F HOH . ? B HOH 95 ? 1_555 85.8  ? 
30 O ? F HOH . ? B HOH 93 ? 1_555 CA ? D CA . ? B CA 22 ? 1_555 O ? F HOH . ? B HOH 95 ? 1_555 140.6 ? 
31 O ? F HOH . ? B HOH 94 ? 1_555 CA ? D CA . ? B CA 22 ? 1_555 O ? F HOH . ? B HOH 95 ? 1_555 68.2  ? 
32 O ? E HOH . ? A HOH 92 ? 1_555 CA ? D CA . ? B CA 22 ? 1_555 O ? F HOH . ? B HOH 96 ? 1_555 74.9  ? 
33 O ? E HOH . ? A HOH 97 ? 1_555 CA ? D CA . ? B CA 22 ? 1_555 O ? F HOH . ? B HOH 96 ? 1_555 86.9  ? 
34 O ? F HOH . ? B HOH 93 ? 1_555 CA ? D CA . ? B CA 22 ? 1_555 O ? F HOH . ? B HOH 96 ? 1_555 153.1 ? 
35 O ? F HOH . ? B HOH 94 ? 1_555 CA ? D CA . ? B CA 22 ? 1_555 O ? F HOH . ? B HOH 96 ? 1_555 131.4 ? 
36 O ? F HOH . ? B HOH 95 ? 1_555 CA ? D CA . ? B CA 22 ? 1_555 O ? F HOH . ? B HOH 96 ? 1_555 66.2  ? 
# 
loop_
_struct_site.id 
_struct_site.pdbx_evidence_code 
_struct_site.pdbx_auth_asym_id 
_struct_site.pdbx_auth_comp_id 
_struct_site.pdbx_auth_seq_id 
_struct_site.pdbx_auth_ins_code 
_struct_site.pdbx_num_residues 
_struct_site.details 
AC1 Software A CA 21 ? 7 'BINDING SITE FOR RESIDUE CA A 21' 
AC2 Software B CA 22 ? 6 'BINDING SITE FOR RESIDUE CA B 22' 
# 
loop_
_struct_site_gen.id 
_struct_site_gen.site_id 
_struct_site_gen.pdbx_num_res 
_struct_site_gen.label_comp_id 
_struct_site_gen.label_asym_id 
_struct_site_gen.label_seq_id 
_struct_site_gen.pdbx_auth_ins_code 
_struct_site_gen.auth_comp_id 
_struct_site_gen.auth_asym_id 
_struct_site_gen.auth_seq_id 
_struct_site_gen.label_atom_id 
_struct_site_gen.label_alt_id 
_struct_site_gen.symmetry 
_struct_site_gen.details 
1  AC1 7 HOH E . ? HOH A 86 . ? 1_555 ? 
2  AC1 7 HOH E . ? HOH A 87 . ? 1_555 ? 
3  AC1 7 HOH E . ? HOH A 88 . ? 1_555 ? 
4  AC1 7 HOH E . ? HOH A 89 . ? 1_555 ? 
5  AC1 7 HOH E . ? HOH A 91 . ? 1_555 ? 
6  AC1 7 HOH F . ? HOH B 85 . ? 1_555 ? 
7  AC1 7 HOH F . ? HOH B 90 . ? 1_555 ? 
8  AC2 6 HOH E . ? HOH A 92 . ? 1_555 ? 
9  AC2 6 HOH E . ? HOH A 97 . ? 1_555 ? 
10 AC2 6 HOH F . ? HOH B 93 . ? 1_555 ? 
11 AC2 6 HOH F . ? HOH B 94 . ? 1_555 ? 
12 AC2 6 HOH F . ? HOH B 95 . ? 1_555 ? 
13 AC2 6 HOH F . ? HOH B 96 . ? 1_555 ? 
# 
loop_
_pdbx_validate_rmsd_bond.id 
_pdbx_validate_rmsd_bond.PDB_model_num 
_pdbx_validate_rmsd_bond.auth_atom_id_1 
_pdbx_validate_rmsd_bond.auth_asym_id_1 
_pdbx_validate_rmsd_bond.auth_comp_id_1 
_pdbx_validate_rmsd_bond.auth_seq_id_1 
_pdbx_validate_rmsd_bond.PDB_ins_code_1 
_pdbx_validate_rmsd_bond.label_alt_id_1 
_pdbx_validate_rmsd_bond.auth_atom_id_2 
_pdbx_validate_rmsd_bond.auth_asym_id_2 
_pdbx_validate_rmsd_bond.auth_comp_id_2 
_pdbx_validate_rmsd_bond.auth_seq_id_2 
_pdbx_validate_rmsd_bond.PDB_ins_code_2 
_pdbx_validate_rmsd_bond.label_alt_id_2 
_pdbx_validate_rmsd_bond.bond_value 
_pdbx_validate_rmsd_bond.bond_target_value 
_pdbx_validate_rmsd_bond.bond_deviation 
_pdbx_validate_rmsd_bond.bond_standard_deviation 
_pdbx_validate_rmsd_bond.linker_flag 
1 1 "O3'" A DC 2  ? ? "C3'" A DC 2  ? ? 1.381 1.419 -0.038 0.006 N 
2 1 "O4'" A DG 9  ? ? "C1'" A DG 9  ? ? 1.491 1.420 0.071  0.011 N 
3 1 "O4'" A DG 9  ? ? "C4'" A DG 9  ? ? 1.376 1.446 -0.070 0.010 N 
4 1 "O4'" B DC 16 ? ? "C4'" B DC 16 ? ? 1.383 1.446 -0.063 0.010 N 
5 1 N3    B DC 16 ? ? C4    B DC 16 ? ? 1.385 1.335 0.050  0.007 N 
6 1 "C2'" B DG 19 ? ? "C1'" B DG 19 ? ? 1.448 1.518 -0.070 0.010 N 
# 
loop_
_pdbx_validate_rmsd_angle.id 
_pdbx_validate_rmsd_angle.PDB_model_num 
_pdbx_validate_rmsd_angle.auth_atom_id_1 
_pdbx_validate_rmsd_angle.auth_asym_id_1 
_pdbx_validate_rmsd_angle.auth_comp_id_1 
_pdbx_validate_rmsd_angle.auth_seq_id_1 
_pdbx_validate_rmsd_angle.PDB_ins_code_1 
_pdbx_validate_rmsd_angle.label_alt_id_1 
_pdbx_validate_rmsd_angle.auth_atom_id_2 
_pdbx_validate_rmsd_angle.auth_asym_id_2 
_pdbx_validate_rmsd_angle.auth_comp_id_2 
_pdbx_validate_rmsd_angle.auth_seq_id_2 
_pdbx_validate_rmsd_angle.PDB_ins_code_2 
_pdbx_validate_rmsd_angle.label_alt_id_2 
_pdbx_validate_rmsd_angle.auth_atom_id_3 
_pdbx_validate_rmsd_angle.auth_asym_id_3 
_pdbx_validate_rmsd_angle.auth_comp_id_3 
_pdbx_validate_rmsd_angle.auth_seq_id_3 
_pdbx_validate_rmsd_angle.PDB_ins_code_3 
_pdbx_validate_rmsd_angle.label_alt_id_3 
_pdbx_validate_rmsd_angle.angle_value 
_pdbx_validate_rmsd_angle.angle_target_value 
_pdbx_validate_rmsd_angle.angle_deviation 
_pdbx_validate_rmsd_angle.angle_standard_deviation 
_pdbx_validate_rmsd_angle.linker_flag 
1  1 N3    A DC 2  ? ? C4    A DC 2  ? ? C5    A DC 2  ? ? 119.12 121.90 -2.78  0.40 N 
2  1 C5    A DA 3  ? ? C6    A DA 3  ? ? N1    A DA 3  ? ? 114.69 117.70 -3.01  0.50 N 
3  1 "C3'" A DA 4  ? ? "C2'" A DA 4  ? ? "C1'" A DA 4  ? ? 96.03  102.40 -6.37  0.80 N 
4  1 "O4'" A DA 4  ? ? "C1'" A DA 4  ? ? N9    A DA 4  ? ? 115.20 108.30 6.90   0.30 N 
5  1 C6    A DA 4  ? ? N1    A DA 4  ? ? C2    A DA 4  ? ? 122.22 118.60 3.62   0.60 N 
6  1 N1    A DA 4  ? ? C2    A DA 4  ? ? N3    A DA 4  ? ? 125.95 129.30 -3.35  0.50 N 
7  1 "C3'" A DA 4  ? ? "O3'" A DA 4  ? ? P     A DG 5  ? ? 134.56 119.70 14.86  1.20 Y 
8  1 "O4'" A DG 5  ? ? "C1'" A DG 5  ? ? N9    A DG 5  ? ? 113.28 108.30 4.98   0.30 N 
9  1 C6    A DG 5  ? ? N1    A DG 5  ? ? C2    A DG 5  ? ? 120.95 125.10 -4.15  0.60 N 
10 1 C5    A DG 5  ? ? C6    A DG 5  ? ? N1    A DG 5  ? ? 114.63 111.50 3.13   0.50 N 
11 1 N1    A DG 5  ? ? C6    A DG 5  ? ? O6    A DG 5  ? ? 116.08 119.90 -3.82  0.60 N 
12 1 "C3'" A DC 6  ? ? "O3'" A DC 6  ? ? P     A DT 7  ? ? 127.24 119.70 7.54   1.20 Y 
13 1 "O3'" A DC 6  ? ? P     A DT 7  ? ? OP2   A DT 7  ? ? 119.32 110.50 8.82   1.10 Y 
14 1 "O5'" A DT 7  ? ? P     A DT 7  ? ? OP2   A DT 7  ? ? 99.92  105.70 -5.78  0.90 N 
15 1 C2    A DT 7  ? ? N3    A DT 7  ? ? C4    A DT 7  ? ? 121.00 127.20 -6.20  0.60 N 
16 1 N3    A DT 7  ? ? C4    A DT 7  ? ? C5    A DT 7  ? ? 120.47 115.20 5.27   0.60 N 
17 1 "O5'" A DT 8  ? ? "C5'" A DT 8  ? ? "C4'" A DT 8  ? ? 100.13 109.40 -9.27  0.80 N 
18 1 C2    A DT 8  ? ? N3    A DT 8  ? ? C4    A DT 8  ? ? 121.77 127.20 -5.43  0.60 N 
19 1 N3    A DT 8  ? ? C4    A DT 8  ? ? C5    A DT 8  ? ? 119.11 115.20 3.91   0.60 N 
20 1 N3    A DT 8  ? ? C4    A DT 8  ? ? O4    A DT 8  ? ? 116.03 119.90 -3.87  0.60 N 
21 1 "C3'" A DT 8  ? ? "O3'" A DT 8  ? ? P     A DG 9  ? ? 130.63 119.70 10.93  1.20 Y 
22 1 "O4'" A DG 9  ? ? "C1'" A DG 9  ? ? N9    A DG 9  ? ? 102.12 108.00 -5.88  0.70 N 
23 1 C5    A DG 9  ? ? C6    A DG 9  ? ? N1    A DG 9  ? ? 114.52 111.50 3.02   0.50 N 
24 1 C5    A DG 9  ? ? C6    A DG 9  ? ? O6    A DG 9  ? ? 124.98 128.60 -3.62  0.60 N 
25 1 OP1   A DG 10 ? ? P     A DG 10 ? ? OP2   A DG 10 ? ? 109.59 119.60 -10.01 1.50 N 
26 1 "O5'" A DG 10 ? ? "C5'" A DG 10 ? ? "C4'" A DG 10 ? ? 103.41 109.40 -5.99  0.80 N 
27 1 "O4'" A DG 10 ? ? "C1'" A DG 10 ? ? N9    A DG 10 ? ? 111.91 108.30 3.61   0.30 N 
28 1 "C3'" B DC 12 ? ? "C2'" B DC 12 ? ? "C1'" B DC 12 ? ? 97.50  102.40 -4.90  0.80 N 
29 1 C2    B DC 12 ? ? N3    B DC 12 ? ? C4    B DC 12 ? ? 123.11 119.90 3.21   0.50 N 
30 1 N3    B DC 12 ? ? C4    B DC 12 ? ? C5    B DC 12 ? ? 118.68 121.90 -3.22  0.40 N 
31 1 N1    B DC 12 ? ? C2    B DC 12 ? ? O2    B DC 12 ? ? 123.00 118.90 4.10   0.60 N 
32 1 C6    B DA 13 ? ? N1    B DA 13 ? ? C2    B DA 13 ? ? 122.88 118.60 4.28   0.60 N 
33 1 N1    B DA 13 ? ? C2    B DA 13 ? ? N3    B DA 13 ? ? 124.40 129.30 -4.90  0.50 N 
34 1 C5    B DA 13 ? ? C6    B DA 13 ? ? N1    B DA 13 ? ? 114.53 117.70 -3.17  0.50 N 
35 1 "O5'" B DA 14 ? ? P     B DA 14 ? ? OP1   B DA 14 ? ? 120.62 110.70 9.92   1.20 N 
36 1 "O5'" B DA 14 ? ? "C5'" B DA 14 ? ? "C4'" B DA 14 ? ? 103.40 109.40 -6.00  0.80 N 
37 1 "C3'" B DA 14 ? ? "C2'" B DA 14 ? ? "C1'" B DA 14 ? ? 96.96  102.40 -5.44  0.80 N 
38 1 "O4'" B DA 14 ? ? "C1'" B DA 14 ? ? N9    B DA 14 ? ? 112.20 108.30 3.90   0.30 N 
39 1 C6    B DA 14 ? ? N1    B DA 14 ? ? C2    B DA 14 ? ? 123.03 118.60 4.43   0.60 N 
40 1 N1    B DA 14 ? ? C2    B DA 14 ? ? N3    B DA 14 ? ? 125.93 129.30 -3.37  0.50 N 
41 1 C5    B DA 14 ? ? C6    B DA 14 ? ? N1    B DA 14 ? ? 113.97 117.70 -3.73  0.50 N 
42 1 "C3'" B DA 14 ? ? "O3'" B DA 14 ? ? P     B DG 15 ? ? 128.73 119.70 9.03   1.20 Y 
43 1 "O3'" B DA 14 ? ? P     B DG 15 ? ? OP2   B DG 15 ? ? 121.31 110.50 10.81  1.10 Y 
44 1 "O4'" B DG 15 ? ? "C1'" B DG 15 ? ? N9    B DG 15 ? ? 112.64 108.30 4.34   0.30 N 
45 1 C6    B DG 15 ? ? N1    B DG 15 ? ? C2    B DG 15 ? ? 120.90 125.10 -4.20  0.60 N 
46 1 C5    B DG 15 ? ? C6    B DG 15 ? ? N1    B DG 15 ? ? 115.22 111.50 3.72   0.50 N 
47 1 "O5'" B DC 16 ? ? "C5'" B DC 16 ? ? "C4'" B DC 16 ? ? 103.85 109.40 -5.55  0.80 N 
48 1 "C3'" B DC 16 ? ? "O3'" B DC 16 ? ? P     B DT 17 ? ? 127.47 119.70 7.77   1.20 Y 
49 1 "O5'" B DT 17 ? ? "C5'" B DT 17 ? ? "C4'" B DT 17 ? ? 104.44 109.40 -4.96  0.80 N 
50 1 "O4'" B DT 17 ? ? "C1'" B DT 17 ? ? N1    B DT 17 ? ? 101.90 108.00 -6.10  0.70 N 
51 1 C2    B DT 17 ? ? N3    B DT 17 ? ? C4    B DT 17 ? ? 122.68 127.20 -4.52  0.60 N 
52 1 N3    B DT 17 ? ? C4    B DT 17 ? ? C5    B DT 17 ? ? 119.59 115.20 4.39   0.60 N 
53 1 "C3'" B DT 17 ? ? "O3'" B DT 17 ? ? P     B DT 18 ? ? 127.12 119.70 7.42   1.20 Y 
54 1 "O5'" B DT 18 ? ? "C5'" B DT 18 ? ? "C4'" B DT 18 ? ? 103.55 109.40 -5.85  0.80 N 
55 1 C2    B DT 18 ? ? N3    B DT 18 ? ? C4    B DT 18 ? ? 121.68 127.20 -5.52  0.60 N 
56 1 N3    B DT 18 ? ? C4    B DT 18 ? ? C5    B DT 18 ? ? 120.59 115.20 5.39   0.60 N 
57 1 N3    B DT 18 ? ? C4    B DT 18 ? ? O4    B DT 18 ? ? 116.17 119.90 -3.73  0.60 N 
58 1 "O4'" B DG 19 ? ? "C1'" B DG 19 ? ? N9    B DG 19 ? ? 102.93 108.00 -5.07  0.70 N 
59 1 "O5'" B DG 20 ? ? "C5'" B DG 20 ? ? "C4'" B DG 20 ? ? 104.36 109.40 -5.04  0.80 N 
60 1 "O4'" B DG 20 ? ? "C1'" B DG 20 ? ? N9    B DG 20 ? ? 111.63 108.30 3.33   0.30 N 
61 1 C6    B DG 20 ? ? N1    B DG 20 ? ? C2    B DG 20 ? ? 121.40 125.10 -3.70  0.60 N 
62 1 C5    B DG 20 ? ? C6    B DG 20 ? ? N1    B DG 20 ? ? 115.12 111.50 3.62   0.50 N 
63 1 C5    B DG 20 ? ? C6    B DG 20 ? ? O6    B DG 20 ? ? 124.33 128.60 -4.27  0.60 N 
# 
_pdbx_struct_special_symmetry.id              1 
_pdbx_struct_special_symmetry.PDB_model_num   1 
_pdbx_struct_special_symmetry.auth_asym_id    B 
_pdbx_struct_special_symmetry.auth_comp_id    HOH 
_pdbx_struct_special_symmetry.auth_seq_id     30 
_pdbx_struct_special_symmetry.PDB_ins_code    ? 
_pdbx_struct_special_symmetry.label_asym_id   F 
_pdbx_struct_special_symmetry.label_comp_id   HOH 
_pdbx_struct_special_symmetry.label_seq_id    . 
# 
loop_
_refine_B_iso.class 
_refine_B_iso.details 
_refine_B_iso.treatment 
_refine_B_iso.pdbx_refine_id 
'ALL ATOMS'  TR isotropic 'X-RAY DIFFRACTION' 
'ALL WATERS' TR isotropic 'X-RAY DIFFRACTION' 
# 
loop_
_refine_occupancy.class 
_refine_occupancy.treatment 
_refine_occupancy.pdbx_refine_id 
'ALL ATOMS'  fix 'X-RAY DIFFRACTION' 
'ALL WATERS' fix 'X-RAY DIFFRACTION' 
# 
loop_
_chem_comp_atom.comp_id 
_chem_comp_atom.atom_id 
_chem_comp_atom.type_symbol 
_chem_comp_atom.pdbx_aromatic_flag 
_chem_comp_atom.pdbx_stereo_config 
_chem_comp_atom.pdbx_ordinal 
CA  CA     CA N N 1   
DA  OP3    O  N N 2   
DA  P      P  N N 3   
DA  OP1    O  N N 4   
DA  OP2    O  N N 5   
DA  "O5'"  O  N N 6   
DA  "C5'"  C  N N 7   
DA  "C4'"  C  N R 8   
DA  "O4'"  O  N N 9   
DA  "C3'"  C  N S 10  
DA  "O3'"  O  N N 11  
DA  "C2'"  C  N N 12  
DA  "C1'"  C  N R 13  
DA  N9     N  Y N 14  
DA  C8     C  Y N 15  
DA  N7     N  Y N 16  
DA  C5     C  Y N 17  
DA  C6     C  Y N 18  
DA  N6     N  N N 19  
DA  N1     N  Y N 20  
DA  C2     C  Y N 21  
DA  N3     N  Y N 22  
DA  C4     C  Y N 23  
DA  HOP3   H  N N 24  
DA  HOP2   H  N N 25  
DA  "H5'"  H  N N 26  
DA  "H5''" H  N N 27  
DA  "H4'"  H  N N 28  
DA  "H3'"  H  N N 29  
DA  "HO3'" H  N N 30  
DA  "H2'"  H  N N 31  
DA  "H2''" H  N N 32  
DA  "H1'"  H  N N 33  
DA  H8     H  N N 34  
DA  H61    H  N N 35  
DA  H62    H  N N 36  
DA  H2     H  N N 37  
DC  OP3    O  N N 38  
DC  P      P  N N 39  
DC  OP1    O  N N 40  
DC  OP2    O  N N 41  
DC  "O5'"  O  N N 42  
DC  "C5'"  C  N N 43  
DC  "C4'"  C  N R 44  
DC  "O4'"  O  N N 45  
DC  "C3'"  C  N S 46  
DC  "O3'"  O  N N 47  
DC  "C2'"  C  N N 48  
DC  "C1'"  C  N R 49  
DC  N1     N  N N 50  
DC  C2     C  N N 51  
DC  O2     O  N N 52  
DC  N3     N  N N 53  
DC  C4     C  N N 54  
DC  N4     N  N N 55  
DC  C5     C  N N 56  
DC  C6     C  N N 57  
DC  HOP3   H  N N 58  
DC  HOP2   H  N N 59  
DC  "H5'"  H  N N 60  
DC  "H5''" H  N N 61  
DC  "H4'"  H  N N 62  
DC  "H3'"  H  N N 63  
DC  "HO3'" H  N N 64  
DC  "H2'"  H  N N 65  
DC  "H2''" H  N N 66  
DC  "H1'"  H  N N 67  
DC  H41    H  N N 68  
DC  H42    H  N N 69  
DC  H5     H  N N 70  
DC  H6     H  N N 71  
DG  OP3    O  N N 72  
DG  P      P  N N 73  
DG  OP1    O  N N 74  
DG  OP2    O  N N 75  
DG  "O5'"  O  N N 76  
DG  "C5'"  C  N N 77  
DG  "C4'"  C  N R 78  
DG  "O4'"  O  N N 79  
DG  "C3'"  C  N S 80  
DG  "O3'"  O  N N 81  
DG  "C2'"  C  N N 82  
DG  "C1'"  C  N R 83  
DG  N9     N  Y N 84  
DG  C8     C  Y N 85  
DG  N7     N  Y N 86  
DG  C5     C  Y N 87  
DG  C6     C  N N 88  
DG  O6     O  N N 89  
DG  N1     N  N N 90  
DG  C2     C  N N 91  
DG  N2     N  N N 92  
DG  N3     N  N N 93  
DG  C4     C  Y N 94  
DG  HOP3   H  N N 95  
DG  HOP2   H  N N 96  
DG  "H5'"  H  N N 97  
DG  "H5''" H  N N 98  
DG  "H4'"  H  N N 99  
DG  "H3'"  H  N N 100 
DG  "HO3'" H  N N 101 
DG  "H2'"  H  N N 102 
DG  "H2''" H  N N 103 
DG  "H1'"  H  N N 104 
DG  H8     H  N N 105 
DG  H1     H  N N 106 
DG  H21    H  N N 107 
DG  H22    H  N N 108 
DT  OP3    O  N N 109 
DT  P      P  N N 110 
DT  OP1    O  N N 111 
DT  OP2    O  N N 112 
DT  "O5'"  O  N N 113 
DT  "C5'"  C  N N 114 
DT  "C4'"  C  N R 115 
DT  "O4'"  O  N N 116 
DT  "C3'"  C  N S 117 
DT  "O3'"  O  N N 118 
DT  "C2'"  C  N N 119 
DT  "C1'"  C  N R 120 
DT  N1     N  N N 121 
DT  C2     C  N N 122 
DT  O2     O  N N 123 
DT  N3     N  N N 124 
DT  C4     C  N N 125 
DT  O4     O  N N 126 
DT  C5     C  N N 127 
DT  C7     C  N N 128 
DT  C6     C  N N 129 
DT  HOP3   H  N N 130 
DT  HOP2   H  N N 131 
DT  "H5'"  H  N N 132 
DT  "H5''" H  N N 133 
DT  "H4'"  H  N N 134 
DT  "H3'"  H  N N 135 
DT  "HO3'" H  N N 136 
DT  "H2'"  H  N N 137 
DT  "H2''" H  N N 138 
DT  "H1'"  H  N N 139 
DT  H3     H  N N 140 
DT  H71    H  N N 141 
DT  H72    H  N N 142 
DT  H73    H  N N 143 
DT  H6     H  N N 144 
HOH O      O  N N 145 
HOH H1     H  N N 146 
HOH H2     H  N N 147 
# 
loop_
_chem_comp_bond.comp_id 
_chem_comp_bond.atom_id_1 
_chem_comp_bond.atom_id_2 
_chem_comp_bond.value_order 
_chem_comp_bond.pdbx_aromatic_flag 
_chem_comp_bond.pdbx_stereo_config 
_chem_comp_bond.pdbx_ordinal 
DA  OP3   P      sing N N 1   
DA  OP3   HOP3   sing N N 2   
DA  P     OP1    doub N N 3   
DA  P     OP2    sing N N 4   
DA  P     "O5'"  sing N N 5   
DA  OP2   HOP2   sing N N 6   
DA  "O5'" "C5'"  sing N N 7   
DA  "C5'" "C4'"  sing N N 8   
DA  "C5'" "H5'"  sing N N 9   
DA  "C5'" "H5''" sing N N 10  
DA  "C4'" "O4'"  sing N N 11  
DA  "C4'" "C3'"  sing N N 12  
DA  "C4'" "H4'"  sing N N 13  
DA  "O4'" "C1'"  sing N N 14  
DA  "C3'" "O3'"  sing N N 15  
DA  "C3'" "C2'"  sing N N 16  
DA  "C3'" "H3'"  sing N N 17  
DA  "O3'" "HO3'" sing N N 18  
DA  "C2'" "C1'"  sing N N 19  
DA  "C2'" "H2'"  sing N N 20  
DA  "C2'" "H2''" sing N N 21  
DA  "C1'" N9     sing N N 22  
DA  "C1'" "H1'"  sing N N 23  
DA  N9    C8     sing Y N 24  
DA  N9    C4     sing Y N 25  
DA  C8    N7     doub Y N 26  
DA  C8    H8     sing N N 27  
DA  N7    C5     sing Y N 28  
DA  C5    C6     sing Y N 29  
DA  C5    C4     doub Y N 30  
DA  C6    N6     sing N N 31  
DA  C6    N1     doub Y N 32  
DA  N6    H61    sing N N 33  
DA  N6    H62    sing N N 34  
DA  N1    C2     sing Y N 35  
DA  C2    N3     doub Y N 36  
DA  C2    H2     sing N N 37  
DA  N3    C4     sing Y N 38  
DC  OP3   P      sing N N 39  
DC  OP3   HOP3   sing N N 40  
DC  P     OP1    doub N N 41  
DC  P     OP2    sing N N 42  
DC  P     "O5'"  sing N N 43  
DC  OP2   HOP2   sing N N 44  
DC  "O5'" "C5'"  sing N N 45  
DC  "C5'" "C4'"  sing N N 46  
DC  "C5'" "H5'"  sing N N 47  
DC  "C5'" "H5''" sing N N 48  
DC  "C4'" "O4'"  sing N N 49  
DC  "C4'" "C3'"  sing N N 50  
DC  "C4'" "H4'"  sing N N 51  
DC  "O4'" "C1'"  sing N N 52  
DC  "C3'" "O3'"  sing N N 53  
DC  "C3'" "C2'"  sing N N 54  
DC  "C3'" "H3'"  sing N N 55  
DC  "O3'" "HO3'" sing N N 56  
DC  "C2'" "C1'"  sing N N 57  
DC  "C2'" "H2'"  sing N N 58  
DC  "C2'" "H2''" sing N N 59  
DC  "C1'" N1     sing N N 60  
DC  "C1'" "H1'"  sing N N 61  
DC  N1    C2     sing N N 62  
DC  N1    C6     sing N N 63  
DC  C2    O2     doub N N 64  
DC  C2    N3     sing N N 65  
DC  N3    C4     doub N N 66  
DC  C4    N4     sing N N 67  
DC  C4    C5     sing N N 68  
DC  N4    H41    sing N N 69  
DC  N4    H42    sing N N 70  
DC  C5    C6     doub N N 71  
DC  C5    H5     sing N N 72  
DC  C6    H6     sing N N 73  
DG  OP3   P      sing N N 74  
DG  OP3   HOP3   sing N N 75  
DG  P     OP1    doub N N 76  
DG  P     OP2    sing N N 77  
DG  P     "O5'"  sing N N 78  
DG  OP2   HOP2   sing N N 79  
DG  "O5'" "C5'"  sing N N 80  
DG  "C5'" "C4'"  sing N N 81  
DG  "C5'" "H5'"  sing N N 82  
DG  "C5'" "H5''" sing N N 83  
DG  "C4'" "O4'"  sing N N 84  
DG  "C4'" "C3'"  sing N N 85  
DG  "C4'" "H4'"  sing N N 86  
DG  "O4'" "C1'"  sing N N 87  
DG  "C3'" "O3'"  sing N N 88  
DG  "C3'" "C2'"  sing N N 89  
DG  "C3'" "H3'"  sing N N 90  
DG  "O3'" "HO3'" sing N N 91  
DG  "C2'" "C1'"  sing N N 92  
DG  "C2'" "H2'"  sing N N 93  
DG  "C2'" "H2''" sing N N 94  
DG  "C1'" N9     sing N N 95  
DG  "C1'" "H1'"  sing N N 96  
DG  N9    C8     sing Y N 97  
DG  N9    C4     sing Y N 98  
DG  C8    N7     doub Y N 99  
DG  C8    H8     sing N N 100 
DG  N7    C5     sing Y N 101 
DG  C5    C6     sing N N 102 
DG  C5    C4     doub Y N 103 
DG  C6    O6     doub N N 104 
DG  C6    N1     sing N N 105 
DG  N1    C2     sing N N 106 
DG  N1    H1     sing N N 107 
DG  C2    N2     sing N N 108 
DG  C2    N3     doub N N 109 
DG  N2    H21    sing N N 110 
DG  N2    H22    sing N N 111 
DG  N3    C4     sing N N 112 
DT  OP3   P      sing N N 113 
DT  OP3   HOP3   sing N N 114 
DT  P     OP1    doub N N 115 
DT  P     OP2    sing N N 116 
DT  P     "O5'"  sing N N 117 
DT  OP2   HOP2   sing N N 118 
DT  "O5'" "C5'"  sing N N 119 
DT  "C5'" "C4'"  sing N N 120 
DT  "C5'" "H5'"  sing N N 121 
DT  "C5'" "H5''" sing N N 122 
DT  "C4'" "O4'"  sing N N 123 
DT  "C4'" "C3'"  sing N N 124 
DT  "C4'" "H4'"  sing N N 125 
DT  "O4'" "C1'"  sing N N 126 
DT  "C3'" "O3'"  sing N N 127 
DT  "C3'" "C2'"  sing N N 128 
DT  "C3'" "H3'"  sing N N 129 
DT  "O3'" "HO3'" sing N N 130 
DT  "C2'" "C1'"  sing N N 131 
DT  "C2'" "H2'"  sing N N 132 
DT  "C2'" "H2''" sing N N 133 
DT  "C1'" N1     sing N N 134 
DT  "C1'" "H1'"  sing N N 135 
DT  N1    C2     sing N N 136 
DT  N1    C6     sing N N 137 
DT  C2    O2     doub N N 138 
DT  C2    N3     sing N N 139 
DT  N3    C4     sing N N 140 
DT  N3    H3     sing N N 141 
DT  C4    O4     doub N N 142 
DT  C4    C5     sing N N 143 
DT  C5    C7     sing N N 144 
DT  C5    C6     doub N N 145 
DT  C7    H71    sing N N 146 
DT  C7    H72    sing N N 147 
DT  C7    H73    sing N N 148 
DT  C6    H6     sing N N 149 
HOH O     H1     sing N N 150 
HOH O     H2     sing N N 151 
# 
loop_
_ndb_struct_conf_na.entry_id 
_ndb_struct_conf_na.feature 
158D 'double helix'        
158D 'b-form double helix' 
# 
loop_
_ndb_struct_na_base_pair.model_number 
_ndb_struct_na_base_pair.i_label_asym_id 
_ndb_struct_na_base_pair.i_label_comp_id 
_ndb_struct_na_base_pair.i_label_seq_id 
_ndb_struct_na_base_pair.i_symmetry 
_ndb_struct_na_base_pair.j_label_asym_id 
_ndb_struct_na_base_pair.j_label_comp_id 
_ndb_struct_na_base_pair.j_label_seq_id 
_ndb_struct_na_base_pair.j_symmetry 
_ndb_struct_na_base_pair.shear 
_ndb_struct_na_base_pair.stretch 
_ndb_struct_na_base_pair.stagger 
_ndb_struct_na_base_pair.buckle 
_ndb_struct_na_base_pair.propeller 
_ndb_struct_na_base_pair.opening 
_ndb_struct_na_base_pair.pair_number 
_ndb_struct_na_base_pair.pair_name 
_ndb_struct_na_base_pair.i_auth_asym_id 
_ndb_struct_na_base_pair.i_auth_seq_id 
_ndb_struct_na_base_pair.i_PDB_ins_code 
_ndb_struct_na_base_pair.j_auth_asym_id 
_ndb_struct_na_base_pair.j_auth_seq_id 
_ndb_struct_na_base_pair.j_PDB_ins_code 
_ndb_struct_na_base_pair.hbond_type_28 
_ndb_struct_na_base_pair.hbond_type_12 
1 A DC 1  1_555 B DG 10 1_555 0.091  -0.216 0.089 -8.419  -16.117 -0.518 1  A_DC1:DG20_B  A 1  ? B 20 ? 19 1 
1 A DC 2  1_555 B DG 9  1_555 0.256  -0.083 0.049 -3.674  -7.949  -3.044 2  A_DC2:DG19_B  A 2  ? B 19 ? 19 1 
1 A DA 3  1_555 B DT 8  1_555 0.153  -0.028 0.169 -1.595  -6.094  2.102  3  A_DA3:DT18_B  A 3  ? B 18 ? 20 1 
1 A DA 4  1_555 B DT 7  1_555 0.041  -0.047 0.253 11.017  -9.527  0.745  4  A_DA4:DT17_B  A 4  ? B 17 ? 20 1 
1 A DG 5  1_555 B DC 6  1_555 -0.057 -0.074 0.432 11.759  -8.242  0.734  5  A_DG5:DC16_B  A 5  ? B 16 ? 19 1 
1 A DC 6  1_555 B DG 5  1_555 0.183  0.005  0.148 -7.997  -14.064 0.207  6  A_DC6:DG15_B  A 6  ? B 15 ? 19 1 
1 A DT 7  1_555 B DA 4  1_555 -0.226 -0.132 0.316 -13.231 -11.996 2.483  7  A_DT7:DA14_B  A 7  ? B 14 ? 20 1 
1 A DT 8  1_555 B DA 3  1_555 0.045  -0.085 0.291 -6.781  -9.816  2.106  8  A_DT8:DA13_B  A 8  ? B 13 ? 20 1 
1 A DG 9  1_555 B DC 2  1_555 -0.292 -0.308 0.007 -1.184  -7.629  -2.881 9  A_DG9:DC12_B  A 9  ? B 12 ? 19 1 
1 A DG 10 1_555 B DC 1  1_555 0.072  -0.221 0.213 7.963   -16.712 -1.138 10 A_DG10:DC11_B A 10 ? B 11 ? 19 1 
# 
loop_
_ndb_struct_na_base_pair_step.model_number 
_ndb_struct_na_base_pair_step.i_label_asym_id_1 
_ndb_struct_na_base_pair_step.i_label_comp_id_1 
_ndb_struct_na_base_pair_step.i_label_seq_id_1 
_ndb_struct_na_base_pair_step.i_symmetry_1 
_ndb_struct_na_base_pair_step.j_label_asym_id_1 
_ndb_struct_na_base_pair_step.j_label_comp_id_1 
_ndb_struct_na_base_pair_step.j_label_seq_id_1 
_ndb_struct_na_base_pair_step.j_symmetry_1 
_ndb_struct_na_base_pair_step.i_label_asym_id_2 
_ndb_struct_na_base_pair_step.i_label_comp_id_2 
_ndb_struct_na_base_pair_step.i_label_seq_id_2 
_ndb_struct_na_base_pair_step.i_symmetry_2 
_ndb_struct_na_base_pair_step.j_label_asym_id_2 
_ndb_struct_na_base_pair_step.j_label_comp_id_2 
_ndb_struct_na_base_pair_step.j_label_seq_id_2 
_ndb_struct_na_base_pair_step.j_symmetry_2 
_ndb_struct_na_base_pair_step.shift 
_ndb_struct_na_base_pair_step.slide 
_ndb_struct_na_base_pair_step.rise 
_ndb_struct_na_base_pair_step.tilt 
_ndb_struct_na_base_pair_step.roll 
_ndb_struct_na_base_pair_step.twist 
_ndb_struct_na_base_pair_step.x_displacement 
_ndb_struct_na_base_pair_step.y_displacement 
_ndb_struct_na_base_pair_step.helical_rise 
_ndb_struct_na_base_pair_step.inclination 
_ndb_struct_na_base_pair_step.tip 
_ndb_struct_na_base_pair_step.helical_twist 
_ndb_struct_na_base_pair_step.step_number 
_ndb_struct_na_base_pair_step.step_name 
_ndb_struct_na_base_pair_step.i_auth_asym_id_1 
_ndb_struct_na_base_pair_step.i_auth_seq_id_1 
_ndb_struct_na_base_pair_step.i_PDB_ins_code_1 
_ndb_struct_na_base_pair_step.j_auth_asym_id_1 
_ndb_struct_na_base_pair_step.j_auth_seq_id_1 
_ndb_struct_na_base_pair_step.j_PDB_ins_code_1 
_ndb_struct_na_base_pair_step.i_auth_asym_id_2 
_ndb_struct_na_base_pair_step.i_auth_seq_id_2 
_ndb_struct_na_base_pair_step.i_PDB_ins_code_2 
_ndb_struct_na_base_pair_step.j_auth_asym_id_2 
_ndb_struct_na_base_pair_step.j_auth_seq_id_2 
_ndb_struct_na_base_pair_step.j_PDB_ins_code_2 
1 A DC 1 1_555 B DG 10 1_555 A DC 2  1_555 B DG 9 1_555 -0.461 0.574  3.259 1.942  9.925  29.925 -0.829 1.217  3.243 18.566 -3.633 
31.551 1 AA_DC1DC2:DG19DG20_BB  A 1 ? B 20 ? A 2  ? B 19 ? 
1 A DC 2 1_555 B DG 9  1_555 A DA 3  1_555 B DT 8 1_555 0.235  2.530  3.256 -1.555 -5.639 48.578 3.463  -0.396 2.955 -6.826 1.882  
48.908 2 AA_DC2DA3:DT18DG19_BB  A 2 ? B 19 ? A 3  ? B 18 ? 
1 A DA 3 1_555 B DT 8  1_555 A DA 4  1_555 B DT 7 1_555 0.621  0.843  3.159 -0.234 9.310  23.073 -0.888 -1.515 3.241 22.153 0.558  
24.858 3 AA_DA3DA4:DT17DT18_BB  A 3 ? B 18 ? A 4  ? B 17 ? 
1 A DA 4 1_555 B DT 7  1_555 A DG 5  1_555 B DC 6 1_555 0.031  -0.147 3.296 -3.562 -0.743 37.355 -0.131 -0.517 3.281 -1.157 5.545  
37.526 4 AA_DA4DG5:DC16DT17_BB  A 4 ? B 17 ? A 5  ? B 16 ? 
1 A DG 5 1_555 B DC 6  1_555 A DC 6  1_555 B DG 5 1_555 0.026  -1.204 3.727 3.600  2.809  38.968 -2.171 0.446  3.623 4.193  -5.374 
39.225 5 AA_DG5DC6:DG15DC16_BB  A 5 ? B 16 ? A 6  ? B 15 ? 
1 A DC 6 1_555 B DG 5  1_555 A DT 7  1_555 B DA 4 1_555 0.106  -0.217 3.429 1.571  1.425  34.702 -0.591 0.074  3.419 2.386  -2.631 
34.765 6 AA_DC6DT7:DA14DG15_BB  A 6 ? B 15 ? A 7  ? B 14 ? 
1 A DT 7 1_555 B DA 4  1_555 A DT 8  1_555 B DA 3 1_555 -0.389 0.568  3.255 -0.525 11.165 27.282 -1.347 0.649  3.239 22.509 1.058  
29.442 7 AA_DT7DT8:DA13DA14_BB  A 7 ? B 14 ? A 8  ? B 13 ? 
1 A DT 8 1_555 B DA 3  1_555 A DG 9  1_555 B DC 2 1_555 -0.308 2.535  3.134 2.346  -6.134 47.452 3.566  0.549  2.788 -7.580 -2.899 
47.878 8 AA_DT8DG9:DC12DA13_BB  A 8 ? B 13 ? A 9  ? B 12 ? 
1 A DG 9 1_555 B DC 2  1_555 A DG 10 1_555 B DC 1 1_555 0.344  0.625  3.201 -3.389 10.068 29.584 -0.748 -1.276 3.181 18.963 6.384  
31.393 9 AA_DG9DG10:DC11DC12_BB A 9 ? B 12 ? A 10 ? B 11 ? 
# 
_atom_sites.entry_id                    158D 
_atom_sites.fract_transf_matrix[1][1]   0.01695592 
_atom_sites.fract_transf_matrix[1][2]   -0.00445236 
_atom_sites.fract_transf_matrix[1][3]   -0.01287984 
_atom_sites.fract_transf_matrix[2][1]   0.00477097 
_atom_sites.fract_transf_matrix[2][2]   0.01317092 
_atom_sites.fract_transf_matrix[2][3]   -0.01664335 
_atom_sites.fract_transf_matrix[3][1]   0.01732975 
_atom_sites.fract_transf_matrix[3][2]   0.01569536 
_atom_sites.fract_transf_matrix[3][3]   0.01738846 
_atom_sites.fract_transf_vector[1]      0.378334 
_atom_sites.fract_transf_vector[2]      0.116664 
_atom_sites.fract_transf_vector[3]      0.090204 
# 
loop_
_atom_type.symbol 
C  
CA 
N  
O  
P  
# 
loop_
_atom_site.group_PDB 
_atom_site.id 
_atom_site.type_symbol 
_atom_site.label_atom_id 
_atom_site.label_alt_id 
_atom_site.label_comp_id 
_atom_site.label_asym_id 
_atom_site.label_entity_id 
_atom_site.label_seq_id 
_atom_site.pdbx_PDB_ins_code 
_atom_site.Cartn_x 
_atom_site.Cartn_y 
_atom_site.Cartn_z 
_atom_site.occupancy 
_atom_site.B_iso_or_equiv 
_atom_site.pdbx_formal_charge 
_atom_site.auth_seq_id 
_atom_site.auth_comp_id 
_atom_site.auth_asym_id 
_atom_site.auth_atom_id 
_atom_site.pdbx_PDB_model_num 
ATOM   1   O  "O5'" . DC  A 1 1  ? 6.205   3.530   16.136  1.00 14.09 ? 1  DC  A "O5'" 1 
ATOM   2   C  "C5'" . DC  A 1 1  ? 6.988   3.940   15.014  1.00 11.04 ? 1  DC  A "C5'" 1 
ATOM   3   C  "C4'" . DC  A 1 1  ? 6.550   5.314   14.601  1.00 13.05 ? 1  DC  A "C4'" 1 
ATOM   4   O  "O4'" . DC  A 1 1  ? 7.547   5.946   13.830  1.00 14.04 ? 1  DC  A "O4'" 1 
ATOM   5   C  "C3'" . DC  A 1 1  ? 5.276   5.382   13.761  1.00 11.41 ? 1  DC  A "C3'" 1 
ATOM   6   O  "O3'" . DC  A 1 1  ? 4.486   6.509   14.125  1.00 16.19 ? 1  DC  A "O3'" 1 
ATOM   7   C  "C2'" . DC  A 1 1  ? 5.821   5.463   12.346  1.00 11.15 ? 1  DC  A "C2'" 1 
ATOM   8   C  "C1'" . DC  A 1 1  ? 7.032   6.326   12.523  1.00 9.60  ? 1  DC  A "C1'" 1 
ATOM   9   N  N1    . DC  A 1 1  ? 8.078   6.053   11.526  1.00 8.86  ? 1  DC  A N1    1 
ATOM   10  C  C2    . DC  A 1 1  ? 8.380   7.047   10.602  1.00 9.25  ? 1  DC  A C2    1 
ATOM   11  O  O2    . DC  A 1 1  ? 7.793   8.113   10.611  1.00 8.43  ? 1  DC  A O2    1 
ATOM   12  N  N3    . DC  A 1 1  ? 9.382   6.779   9.692   1.00 6.99  ? 1  DC  A N3    1 
ATOM   13  C  C4    . DC  A 1 1  ? 10.011  5.566   9.675   1.00 6.42  ? 1  DC  A C4    1 
ATOM   14  N  N4    . DC  A 1 1  ? 10.945  5.346   8.783   1.00 9.10  ? 1  DC  A N4    1 
ATOM   15  C  C5    . DC  A 1 1  ? 9.695   4.547   10.636  1.00 8.26  ? 1  DC  A C5    1 
ATOM   16  C  C6    . DC  A 1 1  ? 8.736   4.849   11.513  1.00 7.38  ? 1  DC  A C6    1 
ATOM   17  P  P     . DC  A 1 2  ? 2.875   6.520   13.926  1.00 13.22 ? 2  DC  A P     1 
ATOM   18  O  OP1   . DC  A 1 2  ? 2.465   7.567   14.942  1.00 17.03 ? 2  DC  A OP1   1 
ATOM   19  O  OP2   . DC  A 1 2  ? 2.470   5.111   14.111  1.00 17.52 ? 2  DC  A OP2   1 
ATOM   20  O  "O5'" . DC  A 1 2  ? 2.518   7.108   12.491  1.00 14.36 ? 2  DC  A "O5'" 1 
ATOM   21  C  "C5'" . DC  A 1 2  ? 2.687   8.502   12.116  1.00 11.01 ? 2  DC  A "C5'" 1 
ATOM   22  C  "C4'" . DC  A 1 2  ? 2.477   8.550   10.610  1.00 6.79  ? 2  DC  A "C4'" 1 
ATOM   23  O  "O4'" . DC  A 1 2  ? 3.570   8.060   9.905   1.00 12.42 ? 2  DC  A "O4'" 1 
ATOM   24  C  "C3'" . DC  A 1 2  ? 1.320   7.663   10.148  1.00 11.90 ? 2  DC  A "C3'" 1 
ATOM   25  O  "O3'" . DC  A 1 2  ? 0.673   8.391   9.169   1.00 10.42 ? 2  DC  A "O3'" 1 
ATOM   26  C  "C2'" . DC  A 1 2  ? 1.988   6.384   9.675   1.00 10.32 ? 2  DC  A "C2'" 1 
ATOM   27  C  "C1'" . DC  A 1 2  ? 3.157   7.006   8.989   1.00 10.24 ? 2  DC  A "C1'" 1 
ATOM   28  N  N1    . DC  A 1 2  ? 4.317   6.178   8.714   1.00 10.49 ? 2  DC  A N1    1 
ATOM   29  C  C2    . DC  A 1 2  ? 5.185   6.730   7.771   1.00 8.40  ? 2  DC  A C2    1 
ATOM   30  O  O2    . DC  A 1 2  ? 4.932   7.797   7.209   1.00 6.39  ? 2  DC  A O2    1 
ATOM   31  N  N3    . DC  A 1 2  ? 6.318   6.026   7.473   1.00 8.44  ? 2  DC  A N3    1 
ATOM   32  C  C4    . DC  A 1 2  ? 6.616   4.829   8.054   1.00 10.28 ? 2  DC  A C4    1 
ATOM   33  N  N4    . DC  A 1 2  ? 7.745   4.227   7.691   1.00 7.88  ? 2  DC  A N4    1 
ATOM   34  C  C5    . DC  A 1 2  ? 5.729   4.292   9.020   1.00 7.24  ? 2  DC  A C5    1 
ATOM   35  C  C6    . DC  A 1 2  ? 4.621   4.987   9.301   1.00 9.84  ? 2  DC  A C6    1 
ATOM   36  P  P     . DA  A 1 3  ? -0.829  8.837   9.211   1.00 13.26 ? 3  DA  A P     1 
ATOM   37  O  OP1   . DA  A 1 3  ? -0.969  9.717   10.384  1.00 14.87 ? 3  DA  A OP1   1 
ATOM   38  O  OP2   . DA  A 1 3  ? -1.730  7.684   9.068   1.00 15.40 ? 3  DA  A OP2   1 
ATOM   39  O  "O5'" . DA  A 1 3  ? -0.948  9.741   7.880   1.00 14.10 ? 3  DA  A "O5'" 1 
ATOM   40  C  "C5'" . DA  A 1 3  ? -0.108  10.978  7.814   1.00 8.72  ? 3  DA  A "C5'" 1 
ATOM   41  C  "C4'" . DA  A 1 3  ? 0.228   11.151  6.340   1.00 10.40 ? 3  DA  A "C4'" 1 
ATOM   42  O  "O4'" . DA  A 1 3  ? 1.181   10.185  5.933   1.00 11.92 ? 3  DA  A "O4'" 1 
ATOM   43  C  "C3'" . DA  A 1 3  ? -0.935  10.994  5.359   1.00 7.15  ? 3  DA  A "C3'" 1 
ATOM   44  O  "O3'" . DA  A 1 3  ? -0.799  11.964  4.358   1.00 12.03 ? 3  DA  A "O3'" 1 
ATOM   45  C  "C2'" . DA  A 1 3  ? -0.813  9.583   4.789   1.00 8.73  ? 3  DA  A "C2'" 1 
ATOM   46  C  "C1'" . DA  A 1 3  ? 0.633   9.330   4.871   1.00 9.33  ? 3  DA  A "C1'" 1 
ATOM   47  N  N9    . DA  A 1 3  ? 0.965   7.949   5.303   1.00 9.80  ? 3  DA  A N9    1 
ATOM   48  C  C8    . DA  A 1 3  ? 0.283   7.133   6.139   1.00 8.22  ? 3  DA  A C8    1 
ATOM   49  N  N7    . DA  A 1 3  ? 0.895   5.984   6.342   1.00 6.25  ? 3  DA  A N7    1 
ATOM   50  C  C5    . DA  A 1 3  ? 2.059   6.054   5.613   1.00 7.63  ? 3  DA  A C5    1 
ATOM   51  C  C6    . DA  A 1 3  ? 3.108   5.138   5.423   1.00 8.44  ? 3  DA  A C6    1 
ATOM   52  N  N6    . DA  A 1 3  ? 3.176   3.934   5.992   1.00 2.80  ? 3  DA  A N6    1 
ATOM   53  N  N1    . DA  A 1 3  ? 4.121   5.588   4.622   1.00 4.22  ? 3  DA  A N1    1 
ATOM   54  C  C2    . DA  A 1 3  ? 4.083   6.807   4.050   1.00 8.16  ? 3  DA  A C2    1 
ATOM   55  N  N3    . DA  A 1 3  ? 3.105   7.720   4.155   1.00 8.58  ? 3  DA  A N3    1 
ATOM   56  C  C4    . DA  A 1 3  ? 2.117   7.276   4.957   1.00 8.54  ? 3  DA  A C4    1 
ATOM   57  P  P     . DA  A 1 4  ? -1.962  12.306  3.322   1.00 13.59 ? 4  DA  A P     1 
ATOM   58  O  OP1   . DA  A 1 4  ? -1.550  13.718  3.097   1.00 15.27 ? 4  DA  A OP1   1 
ATOM   59  O  OP2   . DA  A 1 4  ? -3.276  12.032  3.929   1.00 14.48 ? 4  DA  A OP2   1 
ATOM   60  O  "O5'" . DA  A 1 4  ? -1.719  11.289  2.106   1.00 6.97  ? 4  DA  A "O5'" 1 
ATOM   61  C  "C5'" . DA  A 1 4  ? -0.456  11.502  1.374   1.00 9.40  ? 4  DA  A "C5'" 1 
ATOM   62  C  "C4'" . DA  A 1 4  ? -0.321  10.295  0.470   1.00 8.46  ? 4  DA  A "C4'" 1 
ATOM   63  O  "O4'" . DA  A 1 4  ? 0.028   9.196   1.311   1.00 9.60  ? 4  DA  A "O4'" 1 
ATOM   64  C  "C3'" . DA  A 1 4  ? -1.543  9.878   -0.288  1.00 8.80  ? 4  DA  A "C3'" 1 
ATOM   65  O  "O3'" . DA  A 1 4  ? -1.301  9.478   -1.617  1.00 12.75 ? 4  DA  A "O3'" 1 
ATOM   66  C  "C2'" . DA  A 1 4  ? -2.089  8.668   0.544   1.00 13.48 ? 4  DA  A "C2'" 1 
ATOM   67  C  "C1'" . DA  A 1 4  ? -0.715  8.068   0.878   1.00 7.90  ? 4  DA  A "C1'" 1 
ATOM   68  N  N9    . DA  A 1 4  ? -0.791  6.975   1.831   1.00 8.65  ? 4  DA  A N9    1 
ATOM   69  C  C8    . DA  A 1 4  ? -1.777  6.592   2.722   1.00 5.38  ? 4  DA  A C8    1 
ATOM   70  N  N7    . DA  A 1 4  ? -1.477  5.513   3.397   1.00 6.67  ? 4  DA  A N7    1 
ATOM   71  C  C5    . DA  A 1 4  ? -0.197  5.148   2.933   1.00 7.70  ? 4  DA  A C5    1 
ATOM   72  C  C6    . DA  A 1 4  ? 0.658   4.086   3.270   1.00 4.90  ? 4  DA  A C6    1 
ATOM   73  N  N6    . DA  A 1 4  ? 0.421   3.139   4.177   1.00 3.89  ? 4  DA  A N6    1 
ATOM   74  N  N1    . DA  A 1 4  ? 1.841   4.067   2.596   1.00 5.62  ? 4  DA  A N1    1 
ATOM   75  C  C2    . DA  A 1 4  ? 2.153   4.996   1.655   1.00 8.79  ? 4  DA  A C2    1 
ATOM   76  N  N3    . DA  A 1 4  ? 1.384   6.024   1.281   1.00 5.23  ? 4  DA  A N3    1 
ATOM   77  C  C4    . DA  A 1 4  ? 0.223   6.032   1.970   1.00 6.82  ? 4  DA  A C4    1 
ATOM   78  P  P     . DG  A 1 5  ? -1.746  10.001  -3.013  1.00 8.23  ? 5  DG  A P     1 
ATOM   79  O  OP1   . DG  A 1 5  ? -1.353  11.391  -3.045  1.00 8.69  ? 5  DG  A OP1   1 
ATOM   80  O  OP2   . DG  A 1 5  ? -3.150  9.793   -3.376  1.00 8.69  ? 5  DG  A OP2   1 
ATOM   81  O  "O5'" . DG  A 1 5  ? -0.870  9.147   -4.087  1.00 7.99  ? 5  DG  A "O5'" 1 
ATOM   82  C  "C5'" . DG  A 1 5  ? 0.562   9.322   -3.971  1.00 5.00  ? 5  DG  A "C5'" 1 
ATOM   83  C  "C4'" . DG  A 1 5  ? 1.145   7.934   -4.121  1.00 7.39  ? 5  DG  A "C4'" 1 
ATOM   84  O  "O4'" . DG  A 1 5  ? 0.957   7.187   -2.914  1.00 10.00 ? 5  DG  A "O4'" 1 
ATOM   85  C  "C3'" . DG  A 1 5  ? 0.537   7.054   -5.206  1.00 7.96  ? 5  DG  A "C3'" 1 
ATOM   86  O  "O3'" . DG  A 1 5  ? 1.642   6.534   -5.987  1.00 4.90  ? 5  DG  A "O3'" 1 
ATOM   87  C  "C2'" . DG  A 1 5  ? -0.305  6.044   -4.421  1.00 5.18  ? 5  DG  A "C2'" 1 
ATOM   88  C  "C1'" . DG  A 1 5  ? 0.588   5.842   -3.214  1.00 7.85  ? 5  DG  A "C1'" 1 
ATOM   89  N  N9    . DG  A 1 5  ? -0.119  5.174   -2.113  1.00 12.11 ? 5  DG  A N9    1 
ATOM   90  C  C8    . DG  A 1 5  ? -1.323  5.547   -1.567  1.00 7.59  ? 5  DG  A C8    1 
ATOM   91  N  N7    . DG  A 1 5  ? -1.746  4.770   -0.621  1.00 9.93  ? 5  DG  A N7    1 
ATOM   92  C  C5    . DG  A 1 5  ? -0.716  3.826   -0.485  1.00 7.90  ? 5  DG  A C5    1 
ATOM   93  C  C6    . DG  A 1 5  ? -0.607  2.709   0.386   1.00 10.07 ? 5  DG  A C6    1 
ATOM   94  O  O6    . DG  A 1 5  ? -1.380  2.328   1.270   1.00 8.57  ? 5  DG  A O6    1 
ATOM   95  N  N1    . DG  A 1 5  ? 0.533   1.950   0.210   1.00 5.74  ? 5  DG  A N1    1 
ATOM   96  C  C2    . DG  A 1 5  ? 1.465   2.293   -0.724  1.00 7.23  ? 5  DG  A C2    1 
ATOM   97  N  N2    . DG  A 1 5  ? 2.495   1.453   -0.709  1.00 7.49  ? 5  DG  A N2    1 
ATOM   98  N  N3    . DG  A 1 5  ? 1.422   3.331   -1.566  1.00 8.41  ? 5  DG  A N3    1 
ATOM   99  C  C4    . DG  A 1 5  ? 0.279   4.057   -1.405  1.00 9.65  ? 5  DG  A C4    1 
ATOM   100 P  P     . DC  A 1 6  ? 1.418   5.463   -7.138  1.00 7.85  ? 6  DC  A P     1 
ATOM   101 O  OP1   . DC  A 1 6  ? 2.478   5.810   -8.099  1.00 12.56 ? 6  DC  A OP1   1 
ATOM   102 O  OP2   . DC  A 1 6  ? 0.062   5.475   -7.747  1.00 9.01  ? 6  DC  A OP2   1 
ATOM   103 O  "O5'" . DC  A 1 6  ? 1.769   4.061   -6.447  1.00 8.21  ? 6  DC  A "O5'" 1 
ATOM   104 C  "C5'" . DC  A 1 6  ? 3.064   3.889   -5.839  1.00 8.58  ? 6  DC  A "C5'" 1 
ATOM   105 C  "C4'" . DC  A 1 6  ? 3.238   2.381   -5.596  1.00 9.75  ? 6  DC  A "C4'" 1 
ATOM   106 O  "O4'" . DC  A 1 6  ? 2.441   2.014   -4.498  1.00 10.46 ? 6  DC  A "O4'" 1 
ATOM   107 C  "C3'" . DC  A 1 6  ? 2.835   1.462   -6.715  1.00 8.80  ? 6  DC  A "C3'" 1 
ATOM   108 O  "O3'" . DC  A 1 6  ? 3.838   0.463   -6.905  1.00 13.18 ? 6  DC  A "O3'" 1 
ATOM   109 C  "C2'" . DC  A 1 6  ? 1.480   0.911   -6.283  1.00 11.61 ? 6  DC  A "C2'" 1 
ATOM   110 C  "C1'" . DC  A 1 6  ? 1.640   0.858   -4.796  1.00 8.48  ? 6  DC  A "C1'" 1 
ATOM   111 N  N1    . DC  A 1 6  ? 0.382   0.998   -4.048  1.00 9.42  ? 6  DC  A N1    1 
ATOM   112 C  C2    . DC  A 1 6  ? 0.129   0.020   -3.080  1.00 9.64  ? 6  DC  A C2    1 
ATOM   113 O  O2    . DC  A 1 6  ? 0.899   -0.901  -2.872  1.00 9.22  ? 6  DC  A O2    1 
ATOM   114 N  N3    . DC  A 1 6  ? -1.038  0.098   -2.338  1.00 7.11  ? 6  DC  A N3    1 
ATOM   115 C  C4    . DC  A 1 6  ? -1.907  1.135   -2.558  1.00 6.97  ? 6  DC  A C4    1 
ATOM   116 N  N4    . DC  A 1 6  ? -2.994  1.179   -1.807  1.00 5.71  ? 6  DC  A N4    1 
ATOM   117 C  C5    . DC  A 1 6  ? -1.629  2.129   -3.537  1.00 8.38  ? 6  DC  A C5    1 
ATOM   118 C  C6    . DC  A 1 6  ? -0.492  2.026   -4.249  1.00 5.88  ? 6  DC  A C6    1 
ATOM   119 P  P     . DT  A 1 7  ? 3.817   -0.734  -7.949  1.00 12.48 ? 7  DT  A P     1 
ATOM   120 O  OP1   . DT  A 1 7  ? 5.249   -0.850  -8.266  1.00 17.48 ? 7  DT  A OP1   1 
ATOM   121 O  OP2   . DT  A 1 7  ? 2.814   -0.725  -9.046  1.00 10.37 ? 7  DT  A OP2   1 
ATOM   122 O  "O5'" . DT  A 1 7  ? 3.268   -1.999  -7.077  1.00 15.25 ? 7  DT  A "O5'" 1 
ATOM   123 C  "C5'" . DT  A 1 7  ? 3.912   -2.640  -5.945  1.00 12.20 ? 7  DT  A "C5'" 1 
ATOM   124 C  "C4'" . DT  A 1 7  ? 3.012   -3.761  -5.485  1.00 11.10 ? 7  DT  A "C4'" 1 
ATOM   125 O  "O4'" . DT  A 1 7  ? 1.823   -3.327  -4.870  1.00 11.78 ? 7  DT  A "O4'" 1 
ATOM   126 C  "C3'" . DT  A 1 7  ? 2.602   -4.702  -6.630  1.00 11.18 ? 7  DT  A "C3'" 1 
ATOM   127 O  "O3'" . DT  A 1 7  ? 3.124   -5.970  -6.259  1.00 14.98 ? 7  DT  A "O3'" 1 
ATOM   128 C  "C2'" . DT  A 1 7  ? 1.095   -4.638  -6.687  1.00 10.14 ? 7  DT  A "C2'" 1 
ATOM   129 C  "C1'" . DT  A 1 7  ? 0.726   -4.197  -5.315  1.00 8.23  ? 7  DT  A "C1'" 1 
ATOM   130 N  N1    . DT  A 1 7  ? -0.493  -3.388  -5.197  1.00 9.64  ? 7  DT  A N1    1 
ATOM   131 C  C2    . DT  A 1 7  ? -1.379  -3.734  -4.193  1.00 8.08  ? 7  DT  A C2    1 
ATOM   132 O  O2    . DT  A 1 7  ? -1.184  -4.719  -3.480  1.00 8.42  ? 7  DT  A O2    1 
ATOM   133 N  N3    . DT  A 1 7  ? -2.506  -2.959  -4.035  1.00 5.16  ? 7  DT  A N3    1 
ATOM   134 C  C4    . DT  A 1 7  ? -2.726  -1.872  -4.825  1.00 5.78  ? 7  DT  A C4    1 
ATOM   135 O  O4    . DT  A 1 7  ? -3.781  -1.207  -4.643  1.00 11.21 ? 7  DT  A O4    1 
ATOM   136 C  C5    . DT  A 1 7  ? -1.803  -1.526  -5.849  1.00 8.96  ? 7  DT  A C5    1 
ATOM   137 C  C7    . DT  A 1 7  ? -2.074  -0.329  -6.728  1.00 11.29 ? 7  DT  A C7    1 
ATOM   138 C  C6    . DT  A 1 7  ? -0.710  -2.294  -5.992  1.00 8.26  ? 7  DT  A C6    1 
ATOM   139 P  P     . DT  A 1 8  ? 3.150   -7.295  -7.155  1.00 17.23 ? 8  DT  A P     1 
ATOM   140 O  OP1   . DT  A 1 8  ? 4.276   -8.005  -6.468  1.00 16.69 ? 8  DT  A OP1   1 
ATOM   141 O  OP2   . DT  A 1 8  ? 3.151   -7.046  -8.598  1.00 15.58 ? 8  DT  A OP2   1 
ATOM   142 O  "O5'" . DT  A 1 8  ? 1.768   -7.977  -6.829  1.00 17.04 ? 8  DT  A "O5'" 1 
ATOM   143 C  "C5'" . DT  A 1 8  ? 1.710   -8.607  -5.500  1.00 10.73 ? 8  DT  A "C5'" 1 
ATOM   144 C  "C4'" . DT  A 1 8  ? 0.312   -9.247  -5.566  1.00 10.02 ? 8  DT  A "C4'" 1 
ATOM   145 O  "O4'" . DT  A 1 8  ? -0.596  -8.177  -5.454  1.00 10.61 ? 8  DT  A "O4'" 1 
ATOM   146 C  "C3'" . DT  A 1 8  ? 0.004   -10.004 -6.836  1.00 12.08 ? 8  DT  A "C3'" 1 
ATOM   147 O  "O3'" . DT  A 1 8  ? -0.640  -11.230 -6.639  1.00 12.22 ? 8  DT  A "O3'" 1 
ATOM   148 C  "C2'" . DT  A 1 8  ? -0.984  -9.055  -7.588  1.00 12.77 ? 8  DT  A "C2'" 1 
ATOM   149 C  "C1'" . DT  A 1 8  ? -1.683  -8.425  -6.419  1.00 10.34 ? 8  DT  A "C1'" 1 
ATOM   150 N  N1    . DT  A 1 8  ? -2.359  -7.138  -6.676  1.00 10.70 ? 8  DT  A N1    1 
ATOM   151 C  C2    . DT  A 1 8  ? -3.448  -6.863  -5.851  1.00 9.42  ? 8  DT  A C2    1 
ATOM   152 O  O2    . DT  A 1 8  ? -3.802  -7.669  -5.022  1.00 8.38  ? 8  DT  A O2    1 
ATOM   153 N  N3    . DT  A 1 8  ? -4.097  -5.656  -6.012  1.00 10.50 ? 8  DT  A N3    1 
ATOM   154 C  C4    . DT  A 1 8  ? -3.709  -4.754  -6.955  1.00 9.78  ? 8  DT  A C4    1 
ATOM   155 O  O4    . DT  A 1 8  ? -4.387  -3.693  -7.018  1.00 8.58  ? 8  DT  A O4    1 
ATOM   156 C  C5    . DT  A 1 8  ? -2.586  -5.068  -7.807  1.00 10.67 ? 8  DT  A C5    1 
ATOM   157 C  C7    . DT  A 1 8  ? -2.095  -4.118  -8.855  1.00 6.98  ? 8  DT  A C7    1 
ATOM   158 C  C6    . DT  A 1 8  ? -1.967  -6.230  -7.628  1.00 8.74  ? 8  DT  A C6    1 
ATOM   159 P  P     . DG  A 1 9  ? -0.072  -12.678 -6.601  1.00 12.72 ? 9  DG  A P     1 
ATOM   160 O  OP1   . DG  A 1 9  ? 1.120   -12.569 -5.777  1.00 15.44 ? 9  DG  A OP1   1 
ATOM   161 O  OP2   . DG  A 1 9  ? 0.115   -13.145 -8.004  1.00 16.97 ? 9  DG  A OP2   1 
ATOM   162 O  "O5'" . DG  A 1 9  ? -1.218  -13.530 -5.891  1.00 10.22 ? 9  DG  A "O5'" 1 
ATOM   163 C  "C5'" . DG  A 1 9  ? -1.431  -13.187 -4.528  1.00 9.30  ? 9  DG  A "C5'" 1 
ATOM   164 C  "C4'" . DG  A 1 9  ? -2.885  -13.475 -4.222  1.00 10.25 ? 9  DG  A "C4'" 1 
ATOM   165 O  "O4'" . DG  A 1 9  ? -3.718  -12.469 -4.657  1.00 12.63 ? 9  DG  A "O4'" 1 
ATOM   166 C  "C3'" . DG  A 1 9  ? -3.421  -14.777 -4.842  1.00 12.28 ? 9  DG  A "C3'" 1 
ATOM   167 O  "O3'" . DG  A 1 9  ? -4.211  -15.467 -3.841  1.00 12.83 ? 9  DG  A "O3'" 1 
ATOM   168 C  "C2'" . DG  A 1 9  ? -4.163  -14.268 -6.087  1.00 10.63 ? 9  DG  A "C2'" 1 
ATOM   169 C  "C1'" . DG  A 1 9  ? -4.701  -12.966 -5.662  1.00 8.24  ? 9  DG  A "C1'" 1 
ATOM   170 N  N9    . DG  A 1 9  ? -4.692  -11.886 -6.662  1.00 7.63  ? 9  DG  A N9    1 
ATOM   171 C  C8    . DG  A 1 9  ? -3.943  -11.755 -7.785  1.00 7.98  ? 9  DG  A C8    1 
ATOM   172 N  N7    . DG  A 1 9  ? -4.091  -10.662 -8.435  1.00 8.93  ? 9  DG  A N7    1 
ATOM   173 C  C5    . DG  A 1 9  ? -5.029  -9.964  -7.652  1.00 9.30  ? 9  DG  A C5    1 
ATOM   174 C  C6    . DG  A 1 9  ? -5.630  -8.679  -7.817  1.00 9.33  ? 9  DG  A C6    1 
ATOM   175 O  O6    . DG  A 1 9  ? -5.401  -7.891  -8.774  1.00 10.46 ? 9  DG  A O6    1 
ATOM   176 N  N1    . DG  A 1 9  ? -6.505  -8.336  -6.835  1.00 6.79  ? 9  DG  A N1    1 
ATOM   177 C  C2    . DG  A 1 9  ? -6.798  -9.149  -5.791  1.00 7.47  ? 9  DG  A C2    1 
ATOM   178 N  N2    . DG  A 1 9  ? -7.703  -8.694  -4.903  1.00 9.49  ? 9  DG  A N2    1 
ATOM   179 N  N3    . DG  A 1 9  ? -6.262  -10.354 -5.594  1.00 9.92  ? 9  DG  A N3    1 
ATOM   180 C  C4    . DG  A 1 9  ? -5.385  -10.708 -6.552  1.00 7.73  ? 9  DG  A C4    1 
ATOM   181 P  P     . DG  A 1 10 ? -5.113  -16.745 -4.168  1.00 16.10 ? 10 DG  A P     1 
ATOM   182 O  OP1   . DG  A 1 10 ? -5.101  -17.592 -2.960  1.00 23.46 ? 10 DG  A OP1   1 
ATOM   183 O  OP2   . DG  A 1 10 ? -4.554  -17.514 -5.326  1.00 17.18 ? 10 DG  A OP2   1 
ATOM   184 O  "O5'" . DG  A 1 10 ? -6.572  -16.204 -4.530  1.00 16.75 ? 10 DG  A "O5'" 1 
ATOM   185 C  "C5'" . DG  A 1 10 ? -7.284  -15.351 -3.573  1.00 12.05 ? 10 DG  A "C5'" 1 
ATOM   186 C  "C4'" . DG  A 1 10 ? -8.570  -14.985 -4.313  1.00 12.80 ? 10 DG  A "C4'" 1 
ATOM   187 O  "O4'" . DG  A 1 10 ? -8.238  -13.948 -5.212  1.00 17.39 ? 10 DG  A "O4'" 1 
ATOM   188 C  "C3'" . DG  A 1 10 ? -9.218  -16.089 -5.126  1.00 10.17 ? 10 DG  A "C3'" 1 
ATOM   189 O  "O3'" . DG  A 1 10 ? -10.623 -16.226 -4.971  1.00 12.32 ? 10 DG  A "O3'" 1 
ATOM   190 C  "C2'" . DG  A 1 10 ? -8.877  -15.703 -6.573  1.00 15.12 ? 10 DG  A "C2'" 1 
ATOM   191 C  "C1'" . DG  A 1 10 ? -8.873  -14.186 -6.447  1.00 12.70 ? 10 DG  A "C1'" 1 
ATOM   192 N  N9    . DG  A 1 10 ? -8.160  -13.546 -7.563  1.00 15.39 ? 10 DG  A N9    1 
ATOM   193 C  C8    . DG  A 1 10 ? -7.191  -14.034 -8.393  1.00 14.70 ? 10 DG  A C8    1 
ATOM   194 N  N7    . DG  A 1 10 ? -6.780  -13.212 -9.301  1.00 8.61  ? 10 DG  A N7    1 
ATOM   195 C  C5    . DG  A 1 10 ? -7.534  -12.056 -9.047  1.00 14.11 ? 10 DG  A C5    1 
ATOM   196 C  C6    . DG  A 1 10 ? -7.558  -10.788 -9.696  1.00 11.33 ? 10 DG  A C6    1 
ATOM   197 O  O6    . DG  A 1 10 ? -6.866  -10.465 -10.667 1.00 12.89 ? 10 DG  A O6    1 
ATOM   198 N  N1    . DG  A 1 10 ? -8.456  -9.899  -9.167  1.00 8.30  ? 10 DG  A N1    1 
ATOM   199 C  C2    . DG  A 1 10 ? -9.240  -10.199 -8.115  1.00 9.08  ? 10 DG  A C2    1 
ATOM   200 N  N2    . DG  A 1 10 ? -10.066 -9.200  -7.723  1.00 8.86  ? 10 DG  A N2    1 
ATOM   201 N  N3    . DG  A 1 10 ? -9.286  -11.359 -7.471  1.00 9.86  ? 10 DG  A N3    1 
ATOM   202 C  C4    . DG  A 1 10 ? -8.401  -12.241 -7.982  1.00 13.51 ? 10 DG  A C4    1 
ATOM   203 O  "O5'" . DC  B 1 1  ? -12.576 -0.931  -12.869 1.00 23.14 ? 11 DC  B "O5'" 1 
ATOM   204 C  "C5'" . DC  B 1 1  ? -11.926 -2.237  -12.906 1.00 21.45 ? 11 DC  B "C5'" 1 
ATOM   205 C  "C4'" . DC  B 1 1  ? -12.537 -3.097  -11.797 1.00 19.23 ? 11 DC  B "C4'" 1 
ATOM   206 O  "O4'" . DC  B 1 1  ? -12.045 -4.419  -11.819 1.00 17.19 ? 11 DC  B "O4'" 1 
ATOM   207 C  "C3'" . DC  B 1 1  ? -12.313 -2.610  -10.367 1.00 17.55 ? 11 DC  B "C3'" 1 
ATOM   208 O  "O3'" . DC  B 1 1  ? -13.497 -2.707  -9.594  1.00 13.85 ? 11 DC  B "O3'" 1 
ATOM   209 C  "C2'" . DC  B 1 1  ? -11.205 -3.496  -9.797  1.00 13.11 ? 11 DC  B "C2'" 1 
ATOM   210 C  "C1'" . DC  B 1 1  ? -11.431 -4.766  -10.541 1.00 13.66 ? 11 DC  B "C1'" 1 
ATOM   211 N  N1    . DC  B 1 1  ? -10.178 -5.494  -10.783 1.00 15.10 ? 11 DC  B N1    1 
ATOM   212 C  C2    . DC  B 1 1  ? -10.013 -6.715  -10.103 1.00 13.85 ? 11 DC  B C2    1 
ATOM   213 O  O2    . DC  B 1 1  ? -10.887 -7.087  -9.357  1.00 9.66  ? 11 DC  B O2    1 
ATOM   214 N  N3    . DC  B 1 1  ? -8.872  -7.441  -10.339 1.00 8.95  ? 11 DC  B N3    1 
ATOM   215 C  C4    . DC  B 1 1  ? -7.921  -6.965  -11.192 1.00 10.41 ? 11 DC  B C4    1 
ATOM   216 N  N4    . DC  B 1 1  ? -6.810  -7.687  -11.390 1.00 15.29 ? 11 DC  B N4    1 
ATOM   217 C  C5    . DC  B 1 1  ? -8.070  -5.722  -11.873 1.00 9.59  ? 11 DC  B C5    1 
ATOM   218 C  C6    . DC  B 1 1  ? -9.198  -5.040  -11.645 1.00 13.83 ? 11 DC  B C6    1 
ATOM   219 P  P     . DC  B 1 2  ? -13.776 -1.756  -8.357  1.00 15.12 ? 12 DC  B P     1 
ATOM   220 O  OP1   . DC  B 1 2  ? -15.290 -1.831  -8.460  1.00 17.65 ? 12 DC  B OP1   1 
ATOM   221 O  OP2   . DC  B 1 2  ? -13.215 -0.397  -8.515  1.00 10.37 ? 12 DC  B OP2   1 
ATOM   222 O  "O5'" . DC  B 1 2  ? -13.114 -2.413  -7.072  1.00 13.38 ? 12 DC  B "O5'" 1 
ATOM   223 C  "C5'" . DC  B 1 2  ? -13.522 -3.662  -6.470  1.00 14.34 ? 12 DC  B "C5'" 1 
ATOM   224 C  "C4'" . DC  B 1 2  ? -12.523 -3.974  -5.366  1.00 11.47 ? 12 DC  B "C4'" 1 
ATOM   225 O  "O4'" . DC  B 1 2  ? -11.378 -4.615  -5.888  1.00 10.77 ? 12 DC  B "O4'" 1 
ATOM   226 C  "C3'" . DC  B 1 2  ? -11.989 -2.813  -4.535  1.00 8.57  ? 12 DC  B "C3'" 1 
ATOM   227 O  "O3'" . DC  B 1 2  ? -11.789 -3.268  -3.192  1.00 11.19 ? 12 DC  B "O3'" 1 
ATOM   228 C  "C2'" . DC  B 1 2  ? -10.663 -2.498  -5.229  1.00 10.31 ? 12 DC  B "C2'" 1 
ATOM   229 C  "C1'" . DC  B 1 2  ? -10.192 -3.939  -5.422  1.00 10.65 ? 12 DC  B "C1'" 1 
ATOM   230 N  N1    . DC  B 1 2  ? -9.135  -4.210  -6.391  1.00 7.99  ? 12 DC  B N1    1 
ATOM   231 C  C2    . DC  B 1 2  ? -8.571  -5.476  -6.305  1.00 7.60  ? 12 DC  B C2    1 
ATOM   232 O  O2    . DC  B 1 2  ? -8.925  -6.314  -5.472  1.00 10.54 ? 12 DC  B O2    1 
ATOM   233 N  N3    . DC  B 1 2  ? -7.610  -5.802  -7.226  1.00 8.56  ? 12 DC  B N3    1 
ATOM   234 C  C4    . DC  B 1 2  ? -7.160  -4.949  -8.140  1.00 5.38  ? 12 DC  B C4    1 
ATOM   235 N  N4    . DC  B 1 2  ? -6.214  -5.353  -8.982  1.00 5.45  ? 12 DC  B N4    1 
ATOM   236 C  C5    . DC  B 1 2  ? -7.752  -3.643  -8.213  1.00 5.68  ? 12 DC  B C5    1 
ATOM   237 C  C6    . DC  B 1 2  ? -8.713  -3.358  -7.356  1.00 7.19  ? 12 DC  B C6    1 
ATOM   238 P  P     . DA  B 1 3  ? -12.778 -2.830  -1.975  1.00 12.51 ? 13 DA  B P     1 
ATOM   239 O  OP1   . DA  B 1 3  ? -14.078 -3.030  -2.615  1.00 19.31 ? 13 DA  B OP1   1 
ATOM   240 O  OP2   . DA  B 1 3  ? -12.250 -1.547  -1.458  1.00 16.19 ? 13 DA  B OP2   1 
ATOM   241 O  "O5'" . DA  B 1 3  ? -12.648 -3.913  -0.800  1.00 13.59 ? 13 DA  B "O5'" 1 
ATOM   242 C  "C5'" . DA  B 1 3  ? -12.980 -5.318  -0.938  1.00 6.89  ? 13 DA  B "C5'" 1 
ATOM   243 C  "C4'" . DA  B 1 3  ? -11.875 -6.061  -0.212  1.00 7.12  ? 13 DA  B "C4'" 1 
ATOM   244 O  "O4'" . DA  B 1 3  ? -10.709 -6.072  -0.979  1.00 12.54 ? 13 DA  B "O4'" 1 
ATOM   245 C  "C3'" . DA  B 1 3  ? -11.412 -5.556  1.132   1.00 6.46  ? 13 DA  B "C3'" 1 
ATOM   246 O  "O3'" . DA  B 1 3  ? -11.256 -6.737  1.955   1.00 10.45 ? 13 DA  B "O3'" 1 
ATOM   247 C  "C2'" . DA  B 1 3  ? -10.159 -4.732  0.858   1.00 4.13  ? 13 DA  B "C2'" 1 
ATOM   248 C  "C1'" . DA  B 1 3  ? -9.605  -5.391  -0.359  1.00 6.33  ? 13 DA  B "C1'" 1 
ATOM   249 N  N9    . DA  B 1 3  ? -8.970  -4.501  -1.352  1.00 9.36  ? 13 DA  B N9    1 
ATOM   250 C  C8    . DA  B 1 3  ? -9.178  -3.181  -1.600  1.00 8.56  ? 13 DA  B C8    1 
ATOM   251 N  N7    . DA  B 1 3  ? -8.413  -2.704  -2.558  1.00 7.50  ? 13 DA  B N7    1 
ATOM   252 C  C5    . DA  B 1 3  ? -7.671  -3.769  -2.985  1.00 5.26  ? 13 DA  B C5    1 
ATOM   253 C  C6    . DA  B 1 3  ? -6.683  -3.880  -3.990  1.00 8.82  ? 13 DA  B C6    1 
ATOM   254 N  N6    . DA  B 1 3  ? -6.278  -2.878  -4.782  1.00 3.87  ? 13 DA  B N6    1 
ATOM   255 N  N1    . DA  B 1 3  ? -6.121  -5.145  -4.110  1.00 5.94  ? 13 DA  B N1    1 
ATOM   256 C  C2    . DA  B 1 3  ? -6.498  -6.190  -3.344  1.00 5.19  ? 13 DA  B C2    1 
ATOM   257 N  N3    . DA  B 1 3  ? -7.445  -6.127  -2.377  1.00 7.57  ? 13 DA  B N3    1 
ATOM   258 C  C4    . DA  B 1 3  ? -7.979  -4.893  -2.257  1.00 7.69  ? 13 DA  B C4    1 
ATOM   259 P  P     . DA  B 1 4  ? -10.831 -6.679  3.504   1.00 11.68 ? 14 DA  B P     1 
ATOM   260 O  OP1   . DA  B 1 4  ? -11.541 -7.840  4.034   1.00 14.89 ? 14 DA  B OP1   1 
ATOM   261 O  OP2   . DA  B 1 4  ? -11.216 -5.360  4.071   1.00 11.60 ? 14 DA  B OP2   1 
ATOM   262 O  "O5'" . DA  B 1 4  ? -9.214  -6.625  3.517   1.00 9.32  ? 14 DA  B "O5'" 1 
ATOM   263 C  "C5'" . DA  B 1 4  ? -8.477  -7.852  3.119   1.00 8.03  ? 14 DA  B "C5'" 1 
ATOM   264 C  "C4'" . DA  B 1 4  ? -7.045  -7.392  3.053   1.00 10.33 ? 14 DA  B "C4'" 1 
ATOM   265 O  "O4'" . DA  B 1 4  ? -6.896  -6.476  1.969   1.00 10.77 ? 14 DA  B "O4'" 1 
ATOM   266 C  "C3'" . DA  B 1 4  ? -6.548  -6.633  4.282   1.00 11.40 ? 14 DA  B "C3'" 1 
ATOM   267 O  "O3'" . DA  B 1 4  ? -5.270  -7.082  4.629   1.00 11.72 ? 14 DA  B "O3'" 1 
ATOM   268 C  "C2'" . DA  B 1 4  ? -6.505  -5.160  3.813   1.00 10.89 ? 14 DA  B "C2'" 1 
ATOM   269 C  "C1'" . DA  B 1 4  ? -6.008  -5.434  2.387   1.00 7.23  ? 14 DA  B "C1'" 1 
ATOM   270 N  N9    . DA  B 1 4  ? -6.059  -4.288  1.507   1.00 8.94  ? 14 DA  B N9    1 
ATOM   271 C  C8    . DA  B 1 4  ? -6.823  -3.117  1.602   1.00 12.27 ? 14 DA  B C8    1 
ATOM   272 N  N7    . DA  B 1 4  ? -6.619  -2.251  0.640   1.00 8.15  ? 14 DA  B N7    1 
ATOM   273 C  C5    . DA  B 1 4  ? -5.678  -2.901  -0.188  1.00 7.68  ? 14 DA  B C5    1 
ATOM   274 C  C6    . DA  B 1 4  ? -5.058  -2.490  -1.385  1.00 7.19  ? 14 DA  B C6    1 
ATOM   275 N  N6    . DA  B 1 4  ? -5.278  -1.345  -2.009  1.00 4.69  ? 14 DA  B N6    1 
ATOM   276 N  N1    . DA  B 1 4  ? -4.182  -3.393  -1.890  1.00 8.46  ? 14 DA  B N1    1 
ATOM   277 C  C2    . DA  B 1 4  ? -3.909  -4.574  -1.287  1.00 3.14  ? 14 DA  B C2    1 
ATOM   278 N  N3    . DA  B 1 4  ? -4.455  -5.016  -0.183  1.00 5.22  ? 14 DA  B N3    1 
ATOM   279 C  C4    . DA  B 1 4  ? -5.331  -4.133  0.330   1.00 8.07  ? 14 DA  B C4    1 
ATOM   280 P  P     . DG  B 1 5  ? -4.711  -7.443  6.042   1.00 10.37 ? 15 DG  B P     1 
ATOM   281 O  OP1   . DG  B 1 5  ? -5.315  -8.773  6.343   1.00 9.74  ? 15 DG  B OP1   1 
ATOM   282 O  OP2   . DG  B 1 5  ? -4.731  -6.489  7.121   1.00 8.04  ? 15 DG  B OP2   1 
ATOM   283 O  "O5'" . DG  B 1 5  ? -3.127  -7.591  5.700   1.00 10.14 ? 15 DG  B "O5'" 1 
ATOM   284 C  "C5'" . DG  B 1 5  ? -2.779  -8.563  4.724   1.00 11.23 ? 15 DG  B "C5'" 1 
ATOM   285 C  "C4'" . DG  B 1 5  ? -1.674  -8.005  3.867   1.00 9.92  ? 15 DG  B "C4'" 1 
ATOM   286 O  "O4'" . DG  B 1 5  ? -2.189  -7.012  2.985   1.00 12.95 ? 15 DG  B "O4'" 1 
ATOM   287 C  "C3'" . DG  B 1 5  ? -0.558  -7.351  4.667   1.00 9.58  ? 15 DG  B "C3'" 1 
ATOM   288 O  "O3'" . DG  B 1 5  ? 0.639   -7.873  4.117   1.00 7.06  ? 15 DG  B "O3'" 1 
ATOM   289 C  "C2'" . DG  B 1 5  ? -0.790  -5.849  4.456   1.00 7.95  ? 15 DG  B "C2'" 1 
ATOM   290 C  "C1'" . DG  B 1 5  ? -1.309  -5.872  3.027   1.00 11.33 ? 15 DG  B "C1'" 1 
ATOM   291 N  N9    . DG  B 1 5  ? -2.002  -4.610  2.728   1.00 11.19 ? 15 DG  B N9    1 
ATOM   292 C  C8    . DG  B 1 5  ? -2.965  -3.955  3.414   1.00 10.02 ? 15 DG  B C8    1 
ATOM   293 N  N7    . DG  B 1 5  ? -3.311  -2.803  2.863   1.00 9.04  ? 15 DG  B N7    1 
ATOM   294 C  C5    . DG  B 1 5  ? -2.539  -2.731  1.712   1.00 8.10  ? 15 DG  B C5    1 
ATOM   295 C  C6    . DG  B 1 5  ? -2.440  -1.734  0.690   1.00 10.25 ? 15 DG  B C6    1 
ATOM   296 O  O6    . DG  B 1 5  ? -3.133  -0.688  0.604   1.00 11.02 ? 15 DG  B O6    1 
ATOM   297 N  N1    . DG  B 1 5  ? -1.505  -1.988  -0.288  1.00 8.02  ? 15 DG  B N1    1 
ATOM   298 C  C2    . DG  B 1 5  ? -0.751  -3.117  -0.256  1.00 6.47  ? 15 DG  B C2    1 
ATOM   299 N  N2    . DG  B 1 5  ? 0.147   -3.304  -1.247  1.00 4.65  ? 15 DG  B N2    1 
ATOM   300 N  N3    . DG  B 1 5  ? -0.809  -4.080  0.659   1.00 8.84  ? 15 DG  B N3    1 
ATOM   301 C  C4    . DG  B 1 5  ? -1.721  -3.818  1.620   1.00 11.02 ? 15 DG  B C4    1 
ATOM   302 P  P     . DC  B 1 6  ? 2.075   -7.422  4.556   1.00 9.79  ? 16 DC  B P     1 
ATOM   303 O  OP1   . DC  B 1 6  ? 2.807   -8.710  4.552   1.00 15.56 ? 16 DC  B OP1   1 
ATOM   304 O  OP2   . DC  B 1 6  ? 2.081   -6.686  5.830   1.00 4.45  ? 16 DC  B OP2   1 
ATOM   305 O  "O5'" . DC  B 1 6  ? 2.609   -6.421  3.421   1.00 10.85 ? 16 DC  B "O5'" 1 
ATOM   306 C  "C5'" . DC  B 1 6  ? 2.734   -6.892  2.064   1.00 7.94  ? 16 DC  B "C5'" 1 
ATOM   307 C  "C4'" . DC  B 1 6  ? 3.369   -5.723  1.331   1.00 11.23 ? 16 DC  B "C4'" 1 
ATOM   308 O  "O4'" . DC  B 1 6  ? 2.498   -4.658  1.198   1.00 7.78  ? 16 DC  B "O4'" 1 
ATOM   309 C  "C3'" . DC  B 1 6  ? 4.652   -5.170  1.975   1.00 11.98 ? 16 DC  B "C3'" 1 
ATOM   310 O  "O3'" . DC  B 1 6  ? 5.679   -5.224  0.947   1.00 13.08 ? 16 DC  B "O3'" 1 
ATOM   311 C  "C2'" . DC  B 1 6  ? 4.255   -3.783  2.417   1.00 7.74  ? 16 DC  B "C2'" 1 
ATOM   312 C  "C1'" . DC  B 1 6  ? 3.171   -3.425  1.472   1.00 6.16  ? 16 DC  B "C1'" 1 
ATOM   313 N  N1    . DC  B 1 6  ? 2.135   -2.513  1.974   1.00 11.27 ? 16 DC  B N1    1 
ATOM   314 C  C2    . DC  B 1 6  ? 2.025   -1.261  1.335   1.00 6.19  ? 16 DC  B C2    1 
ATOM   315 O  O2    . DC  B 1 6  ? 2.774   -0.963  0.440   1.00 6.79  ? 16 DC  B O2    1 
ATOM   316 N  N3    . DC  B 1 6  ? 1.052   -0.414  1.757   1.00 8.45  ? 16 DC  B N3    1 
ATOM   317 C  C4    . DC  B 1 6  ? 0.198   -0.766  2.788   1.00 9.05  ? 16 DC  B C4    1 
ATOM   318 N  N4    . DC  B 1 6  ? -0.731  0.116   3.155   1.00 7.68  ? 16 DC  B N4    1 
ATOM   319 C  C5    . DC  B 1 6  ? 0.297   -2.029  3.409   1.00 8.49  ? 16 DC  B C5    1 
ATOM   320 C  C6    . DC  B 1 6  ? 1.270   -2.863  2.969   1.00 11.68 ? 16 DC  B C6    1 
ATOM   321 P  P     . DT  B 1 7  ? 7.180   -4.831  1.087   1.00 9.94  ? 17 DT  B P     1 
ATOM   322 O  OP1   . DT  B 1 7  ? 7.917   -5.664  0.086   1.00 15.53 ? 17 DT  B OP1   1 
ATOM   323 O  OP2   . DT  B 1 7  ? 7.609   -5.071  2.480   1.00 10.72 ? 17 DT  B OP2   1 
ATOM   324 O  "O5'" . DT  B 1 7  ? 7.293   -3.264  0.756   1.00 14.75 ? 17 DT  B "O5'" 1 
ATOM   325 C  "C5'" . DT  B 1 7  ? 6.991   -2.731  -0.586  1.00 6.99  ? 17 DT  B "C5'" 1 
ATOM   326 C  "C4'" . DT  B 1 7  ? 7.148   -1.248  -0.443  1.00 8.53  ? 17 DT  B "C4'" 1 
ATOM   327 O  "O4'" . DT  B 1 7  ? 6.080   -0.694  0.267   1.00 10.66 ? 17 DT  B "O4'" 1 
ATOM   328 C  "C3'" . DT  B 1 7  ? 8.397   -0.779  0.311   1.00 9.42  ? 17 DT  B "C3'" 1 
ATOM   329 O  "O3'" . DT  B 1 7  ? 9.254   -0.238  -0.674  1.00 15.66 ? 17 DT  B "O3'" 1 
ATOM   330 C  "C2'" . DT  B 1 7  ? 7.897   0.247   1.315   1.00 9.70  ? 17 DT  B "C2'" 1 
ATOM   331 C  "C1'" . DT  B 1 7  ? 6.502   0.535   0.910   1.00 6.73  ? 17 DT  B "C1'" 1 
ATOM   332 N  N1    . DT  B 1 7  ? 5.505   0.676   1.978   1.00 9.89  ? 17 DT  B N1    1 
ATOM   333 C  C2    . DT  B 1 7  ? 4.648   1.773   1.922   1.00 12.03 ? 17 DT  B C2    1 
ATOM   334 O  O2    . DT  B 1 7  ? 4.810   2.625   1.026   1.00 11.06 ? 17 DT  B O2    1 
ATOM   335 N  N3    . DT  B 1 7  ? 3.691   1.884   2.884   1.00 6.71  ? 17 DT  B N3    1 
ATOM   336 C  C4    . DT  B 1 7  ? 3.528   0.969   3.855   1.00 7.36  ? 17 DT  B C4    1 
ATOM   337 O  O4    . DT  B 1 7  ? 2.598   1.140   4.715   1.00 8.13  ? 17 DT  B O4    1 
ATOM   338 C  C5    . DT  B 1 7  ? 4.396   -0.180  3.903   1.00 10.19 ? 17 DT  B C5    1 
ATOM   339 C  C7    . DT  B 1 7  ? 4.216   -1.231  4.979   1.00 8.26  ? 17 DT  B C7    1 
ATOM   340 C  C6    . DT  B 1 7  ? 5.342   -0.289  2.959   1.00 9.67  ? 17 DT  B C6    1 
ATOM   341 P  P     . DT  B 1 8  ? 10.731  0.323   -0.462  1.00 18.46 ? 18 DT  B P     1 
ATOM   342 O  OP1   . DT  B 1 8  ? 11.231  0.128   -1.854  1.00 20.93 ? 18 DT  B OP1   1 
ATOM   343 O  OP2   . DT  B 1 8  ? 11.385  -0.226  0.722   1.00 12.96 ? 18 DT  B OP2   1 
ATOM   344 O  "O5'" . DT  B 1 8  ? 10.598  1.899   -0.148  1.00 13.54 ? 18 DT  B "O5'" 1 
ATOM   345 C  "C5'" . DT  B 1 8  ? 10.071  2.822   -1.077  1.00 15.70 ? 18 DT  B "C5'" 1 
ATOM   346 C  "C4'" . DT  B 1 8  ? 10.056  4.134   -0.307  1.00 18.52 ? 18 DT  B "C4'" 1 
ATOM   347 O  "O4'" . DT  B 1 8  ? 9.004   4.076   0.649   1.00 19.94 ? 18 DT  B "O4'" 1 
ATOM   348 C  "C3'" . DT  B 1 8  ? 11.313  4.506   0.474   1.00 16.17 ? 18 DT  B "C3'" 1 
ATOM   349 O  "O3'" . DT  B 1 8  ? 11.524  5.916   0.382   1.00 17.13 ? 18 DT  B "O3'" 1 
ATOM   350 C  "C2'" . DT  B 1 8  ? 10.968  4.105   1.920   1.00 17.29 ? 18 DT  B "C2'" 1 
ATOM   351 C  "C1'" . DT  B 1 8  ? 9.517   4.568   1.931   1.00 12.93 ? 18 DT  B "C1'" 1 
ATOM   352 N  N1    . DT  B 1 8  ? 8.627   3.997   2.936   1.00 14.63 ? 18 DT  B N1    1 
ATOM   353 C  C2    . DT  B 1 8  ? 7.447   4.712   3.169   1.00 10.74 ? 18 DT  B C2    1 
ATOM   354 O  O2    . DT  B 1 8  ? 7.221   5.769   2.578   1.00 8.91  ? 18 DT  B O2    1 
ATOM   355 N  N3    . DT  B 1 8  ? 6.577   4.196   4.098   1.00 10.34 ? 18 DT  B N3    1 
ATOM   356 C  C4    . DT  B 1 8  ? 6.822   3.019   4.727   1.00 8.67  ? 18 DT  B C4    1 
ATOM   357 O  O4    . DT  B 1 8  ? 5.958   2.638   5.530   1.00 10.38 ? 18 DT  B O4    1 
ATOM   358 C  C5    . DT  B 1 8  ? 8.014   2.273   4.442   1.00 9.37  ? 18 DT  B C5    1 
ATOM   359 C  C7    . DT  B 1 8  ? 8.305   0.973   5.119   1.00 8.44  ? 18 DT  B C7    1 
ATOM   360 C  C6    . DT  B 1 8  ? 8.850   2.792   3.561   1.00 12.94 ? 18 DT  B C6    1 
ATOM   361 P  P     . DG  B 1 9  ? 12.817  6.608   -0.267  1.00 15.82 ? 19 DG  B P     1 
ATOM   362 O  OP1   . DG  B 1 9  ? 12.796  5.921   -1.580  1.00 15.30 ? 19 DG  B OP1   1 
ATOM   363 O  OP2   . DG  B 1 9  ? 13.980  6.363   0.618   1.00 18.06 ? 19 DG  B OP2   1 
ATOM   364 O  "O5'" . DG  B 1 9  ? 12.459  8.165   -0.424  1.00 14.10 ? 19 DG  B "O5'" 1 
ATOM   365 C  "C5'" . DG  B 1 9  ? 11.210  8.503   -1.019  1.00 13.58 ? 19 DG  B "C5'" 1 
ATOM   366 C  "C4'" . DG  B 1 9  ? 10.565  9.683   -0.337  1.00 13.21 ? 19 DG  B "C4'" 1 
ATOM   367 O  "O4'" . DG  B 1 9  ? 9.915   9.404   0.861   1.00 11.32 ? 19 DG  B "O4'" 1 
ATOM   368 C  "C3'" . DG  B 1 9  ? 11.548  10.808  0.019   1.00 12.15 ? 19 DG  B "C3'" 1 
ATOM   369 O  "O3'" . DG  B 1 9  ? 10.895  12.074  -0.201  1.00 14.26 ? 19 DG  B "O3'" 1 
ATOM   370 C  "C2'" . DG  B 1 9  ? 11.939  10.414  1.453   1.00 13.21 ? 19 DG  B "C2'" 1 
ATOM   371 C  "C1'" . DG  B 1 9  ? 10.685  9.928   1.990   1.00 7.72  ? 19 DG  B "C1'" 1 
ATOM   372 N  N9    . DG  B 1 9  ? 10.812  8.767   2.866   1.00 10.86 ? 19 DG  B N9    1 
ATOM   373 C  C8    . DG  B 1 9  ? 11.780  7.871   3.078   1.00 7.64  ? 19 DG  B C8    1 
ATOM   374 N  N7    . DG  B 1 9  ? 11.482  6.948   3.944   1.00 10.62 ? 19 DG  B N7    1 
ATOM   375 C  C5    . DG  B 1 9  ? 10.196  7.257   4.349   1.00 12.32 ? 19 DG  B C5    1 
ATOM   376 C  C6    . DG  B 1 9  ? 9.317   6.640   5.292   1.00 13.31 ? 19 DG  B C6    1 
ATOM   377 O  O6    . DG  B 1 9  ? 9.541   5.613   5.973   1.00 10.46 ? 19 DG  B O6    1 
ATOM   378 N  N1    . DG  B 1 9  ? 8.099   7.261   5.422   1.00 9.97  ? 19 DG  B N1    1 
ATOM   379 C  C2    . DG  B 1 9  ? 7.774   8.377   4.710   1.00 9.86  ? 19 DG  B C2    1 
ATOM   380 N  N2    . DG  B 1 9  ? 6.546   8.868   4.950   1.00 9.40  ? 19 DG  B N2    1 
ATOM   381 N  N3    . DG  B 1 9  ? 8.542   8.986   3.826   1.00 11.91 ? 19 DG  B N3    1 
ATOM   382 C  C4    . DG  B 1 9  ? 9.744   8.375   3.686   1.00 13.42 ? 19 DG  B C4    1 
ATOM   383 P  P     . DG  B 1 10 ? 11.719  13.415  0.118   1.00 15.97 ? 20 DG  B P     1 
ATOM   384 O  OP1   . DG  B 1 10 ? 11.296  14.363  -0.953  1.00 20.38 ? 20 DG  B OP1   1 
ATOM   385 O  OP2   . DG  B 1 10 ? 13.161  13.064  0.235   1.00 14.65 ? 20 DG  B OP2   1 
ATOM   386 O  "O5'" . DG  B 1 10 ? 11.249  13.923  1.544   1.00 14.99 ? 20 DG  B "O5'" 1 
ATOM   387 C  "C5'" . DG  B 1 10 ? 9.810   14.087  1.766   1.00 16.80 ? 20 DG  B "C5'" 1 
ATOM   388 C  "C4'" . DG  B 1 10 ? 9.668   14.164  3.276   1.00 12.47 ? 20 DG  B "C4'" 1 
ATOM   389 O  "O4'" . DG  B 1 10 ? 9.814   12.871  3.815   1.00 11.61 ? 20 DG  B "O4'" 1 
ATOM   390 C  "C3'" . DG  B 1 10 ? 10.718  15.054  3.939   1.00 14.51 ? 20 DG  B "C3'" 1 
ATOM   391 O  "O3'" . DG  B 1 10 ? 10.103  16.015  4.794   1.00 18.23 ? 20 DG  B "O3'" 1 
ATOM   392 C  "C2'" . DG  B 1 10 ? 11.584  14.069  4.706   1.00 15.27 ? 20 DG  B "C2'" 1 
ATOM   393 C  "C1'" . DG  B 1 10 ? 10.539  12.990  5.031   1.00 9.71  ? 20 DG  B "C1'" 1 
ATOM   394 N  N9    . DG  B 1 10 ? 11.172  11.716  5.412   1.00 13.00 ? 20 DG  B N9    1 
ATOM   395 C  C8    . DG  B 1 10 ? 12.386  11.202  5.052   1.00 12.01 ? 20 DG  B C8    1 
ATOM   396 N  N7    . DG  B 1 10 ? 12.653  10.037  5.590   1.00 12.58 ? 20 DG  B N7    1 
ATOM   397 C  C5    . DG  B 1 10 ? 11.533  9.756   6.332   1.00 8.44  ? 20 DG  B C5    1 
ATOM   398 C  C6    . DG  B 1 10 ? 11.222  8.643   7.177   1.00 10.71 ? 20 DG  B C6    1 
ATOM   399 O  O6    . DG  B 1 10 ? 11.952  7.674   7.340   1.00 12.07 ? 20 DG  B O6    1 
ATOM   400 N  N1    . DG  B 1 10 ? 9.991   8.710   7.808   1.00 9.25  ? 20 DG  B N1    1 
ATOM   401 C  C2    . DG  B 1 10 ? 9.166   9.765   7.631   1.00 10.19 ? 20 DG  B C2    1 
ATOM   402 N  N2    . DG  B 1 10 ? 7.990   9.709   8.284   1.00 10.41 ? 20 DG  B N2    1 
ATOM   403 N  N3    . DG  B 1 10 ? 9.424   10.855  6.879   1.00 8.62  ? 20 DG  B N3    1 
ATOM   404 C  C4    . DG  B 1 10 ? 10.612  10.780  6.264   1.00 10.36 ? 20 DG  B C4    1 
HETATM 405 CA CA    . CA  C 2 .  ? 4.434   12.348  8.187   1.00 19.80 ? 21 CA  A CA    1 
HETATM 406 CA CA    . CA  D 2 .  ? -12.695 -8.886  -4.010  1.00 21.03 ? 22 CA  B CA    1 
HETATM 407 O  O     . HOH E 3 .  ? -1.348  3.029   -7.089  1.00 11.06 ? 25 HOH A O     1 
HETATM 408 O  O     . HOH E 3 .  ? 3.551   -1.829  -2.228  1.00 7.05  ? 26 HOH A O     1 
HETATM 409 O  O     . HOH E 3 .  ? 1.967   2.428   8.035   1.00 13.18 ? 28 HOH A O     1 
HETATM 410 O  O     . HOH E 3 .  ? 1.034   12.537  -2.053  1.00 11.45 ? 29 HOH A O     1 
HETATM 411 O  O     . HOH E 3 .  ? 0.664   14.842  3.666   1.00 9.40  ? 32 HOH A O     1 
HETATM 412 O  O     . HOH E 3 .  ? 6.867   10.250  11.821  1.00 17.94 ? 33 HOH A O     1 
HETATM 413 O  O     . HOH E 3 .  ? -0.351  12.000  -5.508  1.00 10.93 ? 35 HOH A O     1 
HETATM 414 O  O     . HOH E 3 .  ? -4.753  -1.712  -8.752  1.00 10.55 ? 37 HOH A O     1 
HETATM 415 O  O     . HOH E 3 .  ? -0.848  4.454   7.533   1.00 13.56 ? 40 HOH A O     1 
HETATM 416 O  O     . HOH E 3 .  ? -4.912  1.256   -4.779  1.00 13.93 ? 41 HOH A O     1 
HETATM 417 O  O     . HOH E 3 .  ? -3.246  -9.817  -3.414  1.00 21.04 ? 48 HOH A O     1 
HETATM 418 O  O     . HOH E 3 .  ? 6.999   1.964   11.754  1.00 21.10 ? 50 HOH A O     1 
HETATM 419 O  O     . HOH E 3 .  ? 7.997   1.691   9.132   1.00 11.66 ? 51 HOH A O     1 
HETATM 420 O  O     . HOH E 3 .  ? 1.891   -13.164 -9.728  1.00 9.00  ? 52 HOH A O     1 
HETATM 421 O  O     . HOH E 3 .  ? -4.109  8.804   3.997   1.00 28.99 ? 57 HOH A O     1 
HETATM 422 O  O     . HOH E 3 .  ? -4.774  3.556   -1.873  1.00 16.85 ? 59 HOH A O     1 
HETATM 423 O  O     . HOH E 3 .  ? 2.836   8.008   -0.531  1.00 20.56 ? 66 HOH A O     1 
HETATM 424 O  O     . HOH E 3 .  ? -0.661  6.524   12.662  1.00 38.96 ? 69 HOH A O     1 
HETATM 425 O  O     . HOH E 3 .  ? -6.443  -17.430 -8.384  1.00 38.64 ? 75 HOH A O     1 
HETATM 426 O  O     . HOH E 3 .  ? -3.299  -16.905 -7.656  0.50 34.09 ? 76 HOH A O     1 
HETATM 427 O  O     . HOH E 3 .  ? -9.538  -11.149 -4.096  1.00 28.98 ? 77 HOH A O     1 
HETATM 428 O  O     . HOH E 3 .  ? 4.107   4.545   -2.559  1.00 33.98 ? 79 HOH A O     1 
HETATM 429 O  O     . HOH E 3 .  ? 0.335   -1.623  -9.313  1.00 31.66 ? 81 HOH A O     1 
HETATM 430 O  O     . HOH E 3 .  ? -5.824  -10.447 -2.663  1.00 32.44 ? 82 HOH A O     1 
HETATM 431 O  O     . HOH E 3 .  ? 3.396   12.907  5.875   1.00 21.44 ? 86 HOH A O     1 
HETATM 432 O  O     . HOH E 3 .  ? 3.577   10.278  7.216   1.00 14.13 ? 87 HOH A O     1 
HETATM 433 O  O     . HOH E 3 .  ? 5.096   10.400  9.653   1.00 20.31 ? 88 HOH A O     1 
HETATM 434 O  O     . HOH E 3 .  ? 5.046   12.969  10.362  1.00 20.15 ? 89 HOH A O     1 
HETATM 435 O  O     . HOH E 3 .  ? 1.947   12.634  9.419   1.00 37.58 ? 91 HOH A O     1 
HETATM 436 O  O     . HOH E 3 .  ? -14.126 -11.115 -3.246  1.00 20.17 ? 92 HOH A O     1 
HETATM 437 O  O     . HOH E 3 .  ? -11.544 -10.831 -5.255  1.00 12.85 ? 97 HOH A O     1 
HETATM 438 O  O     . HOH F 3 .  ? 7.692   -2.490  4.174   1.00 14.71 ? 23 HOH B O     1 
HETATM 439 O  O     . HOH F 3 .  ? 13.401  6.101   5.327   1.00 7.78  ? 24 HOH B O     1 
HETATM 440 O  O     . HOH F 3 .  ? 14.424  6.975   7.808   1.00 11.60 ? 27 HOH B O     1 
HETATM 441 O  O     . HOH F 3 .  ? 8.127   -7.141  3.706   0.50 12.96 ? 30 HOH B O     1 
HETATM 442 O  O     . HOH F 3 .  ? -7.368  -0.330  -5.632  1.00 12.18 ? 31 HOH B O     1 
HETATM 443 O  O     . HOH F 3 .  ? -4.104  -4.086  6.836   1.00 10.82 ? 34 HOH B O     1 
HETATM 444 O  O     . HOH F 3 .  ? -4.798  2.428   -8.457  1.00 21.23 ? 36 HOH B O     1 
HETATM 445 O  O     . HOH F 3 .  ? -8.685  -0.091  -2.672  1.00 16.08 ? 38 HOH B O     1 
HETATM 446 O  O     . HOH F 3 .  ? -6.421  0.118   -7.746  1.00 18.08 ? 39 HOH B O     1 
HETATM 447 O  O     . HOH F 3 .  ? 7.107   12.022  5.018   1.00 11.53 ? 42 HOH B O     1 
HETATM 448 O  O     . HOH F 3 .  ? 3.943   0.611   8.942   1.00 25.83 ? 43 HOH B O     1 
HETATM 449 O  O     . HOH F 3 .  ? 6.002   0.764   7.718   1.00 16.43 ? 44 HOH B O     1 
HETATM 450 O  O     . HOH F 3 .  ? -2.242  -0.669  5.622   1.00 9.99  ? 45 HOH B O     1 
HETATM 451 O  O     . HOH F 3 .  ? 1.020   0.192   6.528   1.00 5.97  ? 46 HOH B O     1 
HETATM 452 O  O     . HOH F 3 .  ? -2.269  -9.062  -1.131  1.00 19.71 ? 47 HOH B O     1 
HETATM 453 O  O     . HOH F 3 .  ? -13.160 0.900   -2.804  1.00 20.70 ? 49 HOH B O     1 
HETATM 454 O  O     . HOH F 3 .  ? 5.967   14.166  3.288   1.00 24.05 ? 53 HOH B O     1 
HETATM 455 O  O     . HOH F 3 .  ? 14.807  8.185   4.849   1.00 29.38 ? 54 HOH B O     1 
HETATM 456 O  O     . HOH F 3 .  ? 7.353   -2.231  6.595   1.00 27.67 ? 55 HOH B O     1 
HETATM 457 O  O     . HOH F 3 .  ? 11.155  0.802   2.851   1.00 34.28 ? 56 HOH B O     1 
HETATM 458 O  O     . HOH F 3 .  ? -5.236  -1.307  4.114   1.00 18.87 ? 58 HOH B O     1 
HETATM 459 O  O     . HOH F 3 .  ? 2.623   -5.856  -2.245  1.00 34.10 ? 60 HOH B O     1 
HETATM 460 O  O     . HOH F 3 .  ? -16.197 -6.014  0.504   1.00 30.25 ? 61 HOH B O     1 
HETATM 461 O  O     . HOH F 3 .  ? -10.350 -0.135  -8.087  1.00 18.85 ? 62 HOH B O     1 
HETATM 462 O  O     . HOH F 3 .  ? -5.790  -3.024  -11.030 1.00 15.26 ? 63 HOH B O     1 
HETATM 463 O  O     . HOH F 3 .  ? -8.377  -0.074  -9.540  1.00 21.31 ? 64 HOH B O     1 
HETATM 464 O  O     . HOH F 3 .  ? 6.397   4.430   -0.413  1.00 26.11 ? 65 HOH B O     1 
HETATM 465 O  O     . HOH F 3 .  ? 2.630   0.842   14.487  1.00 25.43 ? 67 HOH B O     1 
HETATM 466 O  O     . HOH F 3 .  ? 4.128   1.814   11.503  1.00 14.99 ? 68 HOH B O     1 
HETATM 467 O  O     . HOH F 3 .  ? -0.293  -6.875  -0.576  1.00 22.36 ? 70 HOH B O     1 
HETATM 468 O  O     . HOH F 3 .  ? -3.964  -7.610  0.187   1.00 26.46 ? 71 HOH B O     1 
HETATM 469 O  O     . HOH F 3 .  ? 6.235   -6.723  5.226   1.00 20.33 ? 72 HOH B O     1 
HETATM 470 O  O     . HOH F 3 .  ? 3.806   -7.634  7.894   1.00 34.50 ? 73 HOH B O     1 
HETATM 471 O  O     . HOH F 3 .  ? 5.461   0.839   -2.772  1.00 27.42 ? 74 HOH B O     1 
HETATM 472 O  O     . HOH F 3 .  ? 6.488   9.825   1.522   1.00 22.31 ? 78 HOH B O     1 
HETATM 473 O  O     . HOH F 3 .  ? -10.424 0.791   -1.253  1.00 36.09 ? 80 HOH B O     1 
HETATM 474 O  O     . HOH F 3 .  ? 14.858  12.697  2.481   1.00 39.03 ? 83 HOH B O     1 
HETATM 475 O  O     . HOH F 3 .  ? 11.731  17.309  6.333   1.00 27.46 ? 84 HOH B O     1 
HETATM 476 O  O     . HOH F 3 .  ? 4.496   14.821  7.980   1.00 20.36 ? 85 HOH B O     1 
HETATM 477 O  O     . HOH F 3 .  ? 6.670   12.373  7.334   1.00 19.20 ? 90 HOH B O     1 
HETATM 478 O  O     . HOH F 3 .  ? -11.586 -9.435  -1.826  1.00 24.92 ? 93 HOH B O     1 
HETATM 479 O  O     . HOH F 3 .  ? -10.783 -6.996  -3.660  1.00 18.89 ? 94 HOH B O     1 
HETATM 480 O  O     . HOH F 3 .  ? -12.296 -7.529  -6.150  1.00 17.58 ? 95 HOH B O     1 
HETATM 481 O  O     . HOH F 3 .  ? -14.603 -9.088  -5.745  1.00 14.62 ? 96 HOH B O     1 
# 
